data_3FGB
#
_entry.id   3FGB
#
_cell.length_a   79.478
_cell.length_b   85.082
_cell.length_c   99.429
_cell.angle_alpha   90.00
_cell.angle_beta   90.00
_cell.angle_gamma   90.00
#
_symmetry.space_group_name_H-M   'P 21 21 21'
#
loop_
_entity.id
_entity.type
_entity.pdbx_description
1 polymer 'uncharacterized protein Q89ZH8_BACTN'
2 water water
#
_entity_poly.entity_id   1
_entity_poly.type   'polypeptide(L)'
_entity_poly.pdbx_seq_one_letter_code
;(MSE)AEQDLT(MSE)IVGTYTSGDSKGLYSFRFNEENGTATALSEAEVENPSYLVPSADGKFIYAVSEFSNEQAAANAF
AFNKEEGTFRLLNTQKTGGEDPCYIITNGSNVVTANYSGGSISVFPIDKDGSLLPASEVVKFKGSGADKERQEKPHLHCV
RITPDGKYLFADDLGTDQIHKFIVNPNAKADNEDVFLKEGSPASYKVEAGSGPRHLTFAPNGSYAYLINELSGTVIAFEY
NDGELKEIQTIAADTVGAKGSGDIHISPDGKFLYASNRLKADGLAIFSIHPENG(MSE)LTKVGYQLTGIHPRNFIITPN
GKYLLVACRDSNVIQVYERDTDTGLLTDIRKDIKVDKPVCIKFVPLEHHHHHH
;
_entity_poly.pdbx_strand_id   A,B
#
# COMPACT_ATOMS: atom_id res chain seq x y z
N ASP A 5 -40.63 5.77 -0.38
CA ASP A 5 -39.33 5.89 0.33
C ASP A 5 -38.22 6.24 -0.64
N LEU A 6 -37.05 6.58 -0.11
CA LEU A 6 -35.92 6.91 -0.94
C LEU A 6 -35.20 5.60 -1.20
N THR A 7 -34.33 5.58 -2.19
CA THR A 7 -33.54 4.39 -2.46
C THR A 7 -32.11 4.77 -2.08
N ILE A 9 -27.94 3.71 -1.63
CA ILE A 9 -26.85 2.86 -2.08
C ILE A 9 -25.68 3.01 -1.10
N VAL A 10 -25.09 1.88 -0.74
CA VAL A 10 -23.96 1.88 0.21
C VAL A 10 -22.71 1.22 -0.36
N GLY A 11 -21.60 1.97 -0.32
CA GLY A 11 -20.33 1.45 -0.80
C GLY A 11 -19.52 0.97 0.40
N THR A 12 -18.66 -0.02 0.18
CA THR A 12 -17.85 -0.60 1.25
C THR A 12 -16.41 -0.92 0.84
N TYR A 13 -15.63 -1.35 1.82
CA TYR A 13 -14.27 -1.82 1.58
C TYR A 13 -14.55 -3.30 1.68
N THR A 14 -14.15 -4.05 0.67
CA THR A 14 -14.48 -5.48 0.61
C THR A 14 -13.48 -6.53 1.11
N SER A 15 -12.56 -6.12 1.97
CA SER A 15 -11.57 -7.07 2.51
C SER A 15 -12.22 -8.03 3.48
N GLY A 16 -13.30 -7.60 4.13
CA GLY A 16 -13.98 -8.46 5.08
C GLY A 16 -15.22 -9.15 4.54
N ASP A 17 -16.33 -8.98 5.25
CA ASP A 17 -17.60 -9.61 4.88
C ASP A 17 -18.31 -8.98 3.68
N SER A 18 -18.18 -7.67 3.51
CA SER A 18 -18.86 -7.00 2.40
C SER A 18 -18.45 -7.47 1.02
N LYS A 19 -19.40 -7.50 0.11
CA LYS A 19 -19.16 -7.93 -1.25
C LYS A 19 -19.08 -6.77 -2.21
N GLY A 20 -19.44 -5.58 -1.74
CA GLY A 20 -19.39 -4.42 -2.60
C GLY A 20 -20.48 -3.39 -2.34
N LEU A 21 -21.41 -3.27 -3.29
CA LEU A 21 -22.51 -2.32 -3.18
C LEU A 21 -23.76 -2.95 -2.56
N TYR A 22 -24.54 -2.12 -1.87
CA TYR A 22 -25.76 -2.56 -1.20
C TYR A 22 -26.86 -1.53 -1.41
N SER A 23 -28.03 -1.98 -1.84
CA SER A 23 -29.14 -1.07 -2.05
C SER A 23 -30.21 -1.32 -0.99
N PHE A 24 -30.87 -0.24 -0.57
CA PHE A 24 -31.92 -0.31 0.45
C PHE A 24 -33.03 0.68 0.11
N ARG A 25 -34.15 0.54 0.79
CA ARG A 25 -35.23 1.50 0.70
C ARG A 25 -34.99 2.22 2.01
N PHE A 26 -35.11 3.53 2.04
CA PHE A 26 -34.94 4.22 3.30
C PHE A 26 -36.08 5.19 3.49
N ASN A 27 -36.84 4.98 4.56
CA ASN A 27 -37.98 5.81 4.89
C ASN A 27 -37.48 7.04 5.62
N GLU A 28 -37.42 8.18 4.95
CA GLU A 28 -36.93 9.40 5.56
C GLU A 28 -37.91 10.09 6.52
N GLU A 29 -39.02 9.44 6.84
CA GLU A 29 -39.97 10.01 7.78
C GLU A 29 -39.86 9.31 9.14
N ASN A 30 -39.37 8.08 9.13
CA ASN A 30 -39.21 7.36 10.40
C ASN A 30 -37.84 6.67 10.52
N GLY A 31 -36.98 6.88 9.53
CA GLY A 31 -35.63 6.32 9.57
C GLY A 31 -35.44 4.80 9.48
N THR A 32 -36.43 4.09 8.96
CA THR A 32 -36.35 2.64 8.82
C THR A 32 -35.78 2.30 7.44
N ALA A 33 -34.85 1.36 7.40
CA ALA A 33 -34.24 0.95 6.14
C ALA A 33 -34.59 -0.51 5.87
N THR A 34 -34.90 -0.82 4.61
CA THR A 34 -35.23 -2.19 4.22
C THR A 34 -34.25 -2.63 3.14
N ALA A 35 -33.53 -3.70 3.42
CA ALA A 35 -32.53 -4.23 2.49
C ALA A 35 -33.16 -4.69 1.19
N LEU A 36 -32.45 -4.47 0.08
CA LEU A 36 -32.93 -4.86 -1.25
C LEU A 36 -31.97 -5.88 -1.87
N SER A 37 -30.96 -5.38 -2.59
CA SER A 37 -30.00 -6.25 -3.25
C SER A 37 -28.55 -5.87 -3.02
N GLU A 38 -27.65 -6.50 -3.76
CA GLU A 38 -26.23 -6.23 -3.64
C GLU A 38 -25.52 -6.49 -4.95
N ALA A 39 -24.32 -5.94 -5.08
CA ALA A 39 -23.52 -6.14 -6.27
C ALA A 39 -22.09 -6.42 -5.85
N GLU A 40 -21.52 -7.51 -6.35
CA GLU A 40 -20.15 -7.86 -6.00
C GLU A 40 -19.14 -7.11 -6.87
N VAL A 41 -18.41 -6.21 -6.22
CA VAL A 41 -17.37 -5.42 -6.88
C VAL A 41 -16.43 -5.06 -5.76
N GLU A 42 -15.13 -5.07 -6.05
CA GLU A 42 -14.15 -4.78 -5.02
C GLU A 42 -13.92 -3.30 -4.70
N ASN A 43 -13.83 -3.03 -3.41
CA ASN A 43 -13.57 -1.70 -2.88
C ASN A 43 -14.33 -0.53 -3.52
N PRO A 44 -15.66 -0.61 -3.56
CA PRO A 44 -16.44 0.49 -4.15
C PRO A 44 -16.51 1.60 -3.09
N SER A 45 -15.34 2.21 -2.87
CA SER A 45 -15.12 3.26 -1.88
C SER A 45 -16.03 4.48 -2.02
N TYR A 46 -16.29 4.89 -3.26
CA TYR A 46 -17.15 6.04 -3.49
C TYR A 46 -17.96 5.73 -4.71
N LEU A 47 -19.14 6.35 -4.82
CA LEU A 47 -20.02 6.07 -5.94
C LEU A 47 -20.95 7.24 -6.22
N VAL A 48 -21.53 7.25 -7.41
CA VAL A 48 -22.44 8.33 -7.78
C VAL A 48 -23.48 7.85 -8.77
N PRO A 49 -24.76 8.10 -8.47
CA PRO A 49 -25.81 7.67 -9.39
C PRO A 49 -25.98 8.70 -10.51
N SER A 50 -26.57 8.28 -11.62
CA SER A 50 -26.81 9.20 -12.74
C SER A 50 -27.97 10.07 -12.33
N ALA A 51 -28.17 11.19 -13.02
CA ALA A 51 -29.25 12.11 -12.68
C ALA A 51 -30.64 11.44 -12.72
N ASP A 52 -30.82 10.51 -13.65
CA ASP A 52 -32.10 9.81 -13.78
C ASP A 52 -32.15 8.56 -12.92
N GLY A 53 -31.04 8.22 -12.28
CA GLY A 53 -31.01 7.04 -11.43
C GLY A 53 -31.00 5.72 -12.18
N LYS A 54 -30.68 5.76 -13.47
CA LYS A 54 -30.63 4.54 -14.28
C LYS A 54 -29.25 3.87 -14.26
N PHE A 55 -28.25 4.60 -13.78
CA PHE A 55 -26.90 4.07 -13.73
C PHE A 55 -26.19 4.49 -12.44
N ILE A 56 -25.20 3.70 -12.05
CA ILE A 56 -24.40 3.98 -10.88
C ILE A 56 -22.93 3.74 -11.23
N TYR A 57 -22.09 4.72 -10.93
CA TYR A 57 -20.67 4.59 -11.21
C TYR A 57 -19.93 4.52 -9.89
N ALA A 58 -19.12 3.48 -9.74
CA ALA A 58 -18.36 3.27 -8.52
C ALA A 58 -16.89 2.95 -8.79
N VAL A 59 -16.02 3.49 -7.96
CA VAL A 59 -14.60 3.23 -8.10
C VAL A 59 -14.29 1.84 -7.56
N SER A 60 -13.06 1.41 -7.78
CA SER A 60 -12.54 0.15 -7.23
C SER A 60 -11.20 0.64 -6.73
N GLU A 61 -11.17 1.13 -5.49
CA GLU A 61 -9.97 1.69 -4.91
C GLU A 61 -8.88 0.64 -4.62
N PHE A 62 -7.86 0.63 -5.47
CA PHE A 62 -6.72 -0.28 -5.33
C PHE A 62 -5.46 0.55 -5.51
N SER A 63 -4.40 0.19 -4.78
CA SER A 63 -3.15 0.91 -4.88
C SER A 63 -2.27 0.31 -5.95
N ASN A 64 -2.90 -0.27 -6.97
CA ASN A 64 -2.17 -0.89 -8.07
C ASN A 64 -2.87 -0.68 -9.41
N GLU A 65 -2.51 -1.50 -10.40
CA GLU A 65 -3.08 -1.39 -11.73
C GLU A 65 -4.52 -1.89 -11.82
N GLN A 66 -5.10 -2.28 -10.69
CA GLN A 66 -6.47 -2.74 -10.68
C GLN A 66 -7.42 -1.57 -10.47
N ALA A 67 -6.86 -0.45 -10.03
CA ALA A 67 -7.66 0.75 -9.79
C ALA A 67 -8.56 0.97 -11.00
N ALA A 68 -9.86 1.15 -10.75
CA ALA A 68 -10.80 1.33 -11.84
C ALA A 68 -12.07 2.08 -11.49
N ALA A 69 -12.88 2.32 -12.51
CA ALA A 69 -14.17 2.96 -12.37
C ALA A 69 -15.13 1.92 -12.95
N ASN A 70 -16.21 1.63 -12.24
CA ASN A 70 -17.19 0.63 -12.66
C ASN A 70 -18.51 1.28 -13.08
N ALA A 71 -19.12 0.74 -14.14
CA ALA A 71 -20.40 1.27 -14.61
C ALA A 71 -21.49 0.22 -14.37
N PHE A 72 -22.52 0.63 -13.64
CA PHE A 72 -23.65 -0.25 -13.32
C PHE A 72 -24.98 0.27 -13.83
N ALA A 73 -25.79 -0.62 -14.38
CA ALA A 73 -27.14 -0.25 -14.80
C ALA A 73 -27.89 -0.47 -13.49
N PHE A 74 -28.85 0.41 -13.18
CA PHE A 74 -29.57 0.27 -11.93
C PHE A 74 -31.07 0.35 -12.10
N ASN A 75 -31.77 -0.70 -11.65
CA ASN A 75 -33.23 -0.76 -11.72
C ASN A 75 -33.71 -0.49 -10.31
N LYS A 76 -34.08 0.76 -10.02
CA LYS A 76 -34.54 1.09 -8.67
C LYS A 76 -35.91 0.52 -8.31
N GLU A 77 -36.74 0.21 -9.29
CA GLU A 77 -38.04 -0.37 -8.99
C GLU A 77 -37.82 -1.78 -8.43
N GLU A 78 -36.78 -2.44 -8.91
CA GLU A 78 -36.44 -3.77 -8.43
C GLU A 78 -35.34 -3.69 -7.38
N GLY A 79 -34.55 -2.60 -7.45
CA GLY A 79 -33.45 -2.40 -6.52
C GLY A 79 -32.24 -3.25 -6.85
N THR A 80 -32.16 -3.69 -8.11
CA THR A 80 -31.06 -4.54 -8.56
C THR A 80 -29.96 -3.85 -9.38
N PHE A 81 -28.77 -4.45 -9.34
CA PHE A 81 -27.59 -3.94 -10.05
C PHE A 81 -27.22 -4.83 -11.22
N ARG A 82 -26.70 -4.23 -12.29
CA ARG A 82 -26.26 -4.99 -13.46
C ARG A 82 -24.98 -4.35 -13.97
N LEU A 83 -23.86 -5.02 -13.72
CA LEU A 83 -22.55 -4.52 -14.15
C LEU A 83 -22.47 -4.40 -15.67
N LEU A 84 -22.12 -3.22 -16.16
CA LEU A 84 -21.98 -2.98 -17.59
C LEU A 84 -20.53 -3.23 -17.98
N ASN A 85 -19.61 -2.52 -17.33
CA ASN A 85 -18.18 -2.70 -17.61
C ASN A 85 -17.29 -2.00 -16.60
N THR A 86 -15.99 -2.20 -16.74
CA THR A 86 -14.99 -1.63 -15.85
C THR A 86 -13.82 -1.10 -16.67
N GLN A 87 -13.39 0.13 -16.38
CA GLN A 87 -12.29 0.74 -17.10
C GLN A 87 -11.24 1.21 -16.12
N LYS A 88 -9.98 0.98 -16.46
CA LYS A 88 -8.87 1.37 -15.60
C LYS A 88 -8.70 2.88 -15.50
N THR A 89 -8.42 3.36 -14.29
CA THR A 89 -8.19 4.78 -14.10
C THR A 89 -6.73 5.01 -14.48
N GLY A 90 -6.33 6.25 -14.64
CA GLY A 90 -4.94 6.50 -14.97
C GLY A 90 -4.04 6.33 -13.76
N GLY A 91 -4.63 6.34 -12.57
CA GLY A 91 -3.83 6.27 -11.36
C GLY A 91 -4.40 5.48 -10.20
N GLU A 92 -3.54 5.18 -9.23
CA GLU A 92 -3.92 4.38 -8.07
C GLU A 92 -4.85 5.05 -7.06
N ASP A 93 -5.59 4.19 -6.37
CA ASP A 93 -6.53 4.55 -5.33
C ASP A 93 -7.58 5.62 -5.66
N PRO A 94 -8.42 5.37 -6.68
CA PRO A 94 -9.46 6.37 -7.00
C PRO A 94 -10.38 6.37 -5.77
N CYS A 95 -10.60 7.56 -5.20
CA CYS A 95 -11.38 7.65 -3.96
C CYS A 95 -12.57 8.61 -3.98
N TYR A 96 -12.95 9.07 -5.17
CA TYR A 96 -14.07 10.01 -5.31
C TYR A 96 -14.46 9.93 -6.77
N ILE A 97 -15.76 10.00 -7.03
CA ILE A 97 -16.24 9.89 -8.40
C ILE A 97 -17.48 10.76 -8.63
N ILE A 98 -17.58 11.35 -9.81
CA ILE A 98 -18.70 12.21 -10.15
C ILE A 98 -19.08 11.99 -11.61
N THR A 99 -20.23 12.53 -12.01
CA THR A 99 -20.69 12.45 -13.40
C THR A 99 -21.49 13.70 -13.77
N ASN A 100 -21.29 14.19 -14.99
CA ASN A 100 -22.01 15.37 -15.45
C ASN A 100 -22.99 14.90 -16.52
N GLY A 101 -23.15 13.59 -16.63
CA GLY A 101 -24.06 13.02 -17.60
C GLY A 101 -23.37 12.62 -18.89
N SER A 102 -22.26 13.29 -19.20
CA SER A 102 -21.51 13.00 -20.41
C SER A 102 -20.20 12.28 -20.11
N ASN A 103 -19.61 12.59 -18.96
CA ASN A 103 -18.34 11.98 -18.57
C ASN A 103 -18.32 11.71 -17.08
N VAL A 104 -17.52 10.72 -16.71
CA VAL A 104 -17.35 10.37 -15.30
C VAL A 104 -15.94 10.84 -14.96
N VAL A 105 -15.77 11.39 -13.78
CA VAL A 105 -14.46 11.87 -13.37
C VAL A 105 -14.06 11.23 -12.04
N THR A 106 -12.81 10.79 -11.98
CA THR A 106 -12.31 10.13 -10.79
C THR A 106 -11.13 10.91 -10.20
N ALA A 107 -11.04 10.91 -8.86
CA ALA A 107 -9.93 11.55 -8.16
C ALA A 107 -9.11 10.39 -7.64
N ASN A 108 -7.85 10.32 -8.04
CA ASN A 108 -6.95 9.23 -7.65
C ASN A 108 -5.98 9.67 -6.57
N TYR A 109 -6.16 9.12 -5.37
CA TYR A 109 -5.35 9.47 -4.22
C TYR A 109 -3.86 9.16 -4.35
N SER A 110 -3.52 7.92 -4.67
CA SER A 110 -2.11 7.54 -4.79
C SER A 110 -1.48 7.90 -6.13
N GLY A 111 -2.31 8.05 -7.15
CA GLY A 111 -1.79 8.41 -8.46
C GLY A 111 -1.51 9.90 -8.59
N GLY A 112 -2.08 10.71 -7.69
CA GLY A 112 -1.89 12.15 -7.75
C GLY A 112 -2.40 12.70 -9.07
N SER A 113 -3.62 12.30 -9.43
CA SER A 113 -4.20 12.70 -10.71
C SER A 113 -5.72 12.56 -10.71
N ILE A 114 -6.32 12.91 -11.84
CA ILE A 114 -7.75 12.76 -12.03
C ILE A 114 -7.93 12.13 -13.40
N SER A 115 -8.95 11.29 -13.54
CA SER A 115 -9.21 10.60 -14.81
C SER A 115 -10.62 10.87 -15.34
N VAL A 116 -10.73 11.07 -16.64
CA VAL A 116 -12.02 11.34 -17.25
C VAL A 116 -12.46 10.17 -18.12
N PHE A 117 -13.71 9.73 -17.94
CA PHE A 117 -14.26 8.62 -18.70
C PHE A 117 -15.51 9.05 -19.46
N PRO A 118 -15.43 9.10 -20.79
CA PRO A 118 -16.63 9.50 -21.54
C PRO A 118 -17.67 8.38 -21.37
N ILE A 119 -18.94 8.74 -21.31
CA ILE A 119 -20.00 7.76 -21.14
C ILE A 119 -20.55 7.34 -22.49
N ASP A 120 -20.62 6.03 -22.72
CA ASP A 120 -21.13 5.53 -23.99
C ASP A 120 -22.66 5.68 -24.01
N LYS A 121 -23.25 5.47 -25.18
CA LYS A 121 -24.69 5.60 -25.34
C LYS A 121 -25.47 4.73 -24.39
N ASP A 122 -24.96 3.52 -24.14
CA ASP A 122 -25.65 2.58 -23.26
C ASP A 122 -25.36 2.77 -21.78
N GLY A 123 -24.65 3.83 -21.43
CA GLY A 123 -24.35 4.10 -20.03
C GLY A 123 -23.04 3.51 -19.50
N SER A 124 -22.39 2.66 -20.30
CA SER A 124 -21.14 2.05 -19.88
C SER A 124 -20.01 3.07 -20.06
N LEU A 125 -18.83 2.75 -19.56
CA LEU A 125 -17.72 3.67 -19.67
C LEU A 125 -16.72 3.33 -20.76
N LEU A 126 -16.36 4.34 -21.53
CA LEU A 126 -15.35 4.16 -22.56
C LEU A 126 -14.04 4.28 -21.78
N PRO A 127 -12.93 3.84 -22.36
CA PRO A 127 -11.67 3.94 -21.62
C PRO A 127 -11.27 5.36 -21.26
N ALA A 128 -10.47 5.49 -20.21
CA ALA A 128 -10.02 6.80 -19.75
C ALA A 128 -9.63 7.68 -20.94
N SER A 129 -10.27 8.84 -21.03
CA SER A 129 -10.06 9.79 -22.10
C SER A 129 -8.94 10.78 -21.80
N GLU A 130 -8.98 11.33 -20.59
CA GLU A 130 -8.00 12.32 -20.16
C GLU A 130 -7.54 11.99 -18.75
N VAL A 131 -6.24 12.00 -18.56
CA VAL A 131 -5.69 11.75 -17.24
C VAL A 131 -4.72 12.89 -16.94
N VAL A 132 -5.12 13.76 -16.02
CA VAL A 132 -4.29 14.90 -15.65
C VAL A 132 -3.50 14.57 -14.39
N LYS A 133 -2.18 14.56 -14.50
CA LYS A 133 -1.30 14.25 -13.38
C LYS A 133 -0.73 15.54 -12.80
N PHE A 134 -0.66 15.61 -11.48
CA PHE A 134 -0.13 16.77 -10.77
C PHE A 134 1.20 16.44 -10.12
N LYS A 135 1.97 17.48 -9.78
CA LYS A 135 3.25 17.31 -9.13
C LYS A 135 3.38 18.28 -7.97
N GLY A 136 4.22 17.93 -7.00
CA GLY A 136 4.43 18.80 -5.86
C GLY A 136 4.47 18.04 -4.55
N SER A 137 4.67 18.77 -3.45
CA SER A 137 4.73 18.18 -2.13
C SER A 137 4.22 19.19 -1.12
N GLY A 138 4.17 18.79 0.15
CA GLY A 138 3.68 19.71 1.15
C GLY A 138 4.51 19.83 2.41
N ALA A 139 3.86 20.32 3.46
CA ALA A 139 4.49 20.51 4.75
C ALA A 139 4.77 19.19 5.46
N ASP A 140 3.74 18.37 5.53
CA ASP A 140 3.82 17.07 6.19
C ASP A 140 4.67 16.08 5.39
N LYS A 141 5.83 15.73 5.95
CA LYS A 141 6.74 14.80 5.28
C LYS A 141 6.17 13.41 5.02
N GLU A 142 5.31 12.92 5.91
CA GLU A 142 4.73 11.58 5.72
C GLU A 142 3.51 11.50 4.80
N ARG A 143 2.58 12.42 4.99
CA ARG A 143 1.33 12.42 4.22
C ARG A 143 1.32 13.32 2.98
N GLN A 144 2.29 14.23 2.89
CA GLN A 144 2.33 15.14 1.75
C GLN A 144 3.65 15.04 1.00
N GLU A 145 4.06 13.80 0.71
CA GLU A 145 5.31 13.54 0.00
C GLU A 145 5.13 13.86 -1.49
N LYS A 146 3.89 13.71 -1.96
CA LYS A 146 3.54 13.99 -3.35
C LYS A 146 2.05 14.26 -3.41
N PRO A 147 1.53 14.64 -4.59
CA PRO A 147 0.10 14.92 -4.71
C PRO A 147 -0.81 13.75 -4.38
N HIS A 148 -1.97 14.06 -3.79
CA HIS A 148 -2.97 13.05 -3.45
C HIS A 148 -4.33 13.69 -3.71
N LEU A 149 -4.93 13.37 -4.85
CA LEU A 149 -6.24 13.92 -5.23
C LEU A 149 -7.34 13.17 -4.50
N HIS A 150 -8.13 13.91 -3.73
CA HIS A 150 -9.18 13.33 -2.89
C HIS A 150 -10.61 13.71 -3.24
N CYS A 151 -10.79 14.64 -4.15
CA CYS A 151 -12.15 15.11 -4.46
C CYS A 151 -12.20 15.93 -5.74
N VAL A 152 -13.31 15.81 -6.46
CA VAL A 152 -13.53 16.58 -7.68
C VAL A 152 -14.97 17.04 -7.60
N ARG A 153 -15.18 18.32 -7.88
CA ARG A 153 -16.51 18.90 -7.81
C ARG A 153 -16.75 19.87 -8.94
N ILE A 154 -17.88 19.71 -9.62
CA ILE A 154 -18.23 20.64 -10.69
C ILE A 154 -19.04 21.72 -10.02
N THR A 155 -18.66 22.97 -10.27
CA THR A 155 -19.32 24.10 -9.66
C THR A 155 -20.82 24.16 -9.92
N PRO A 156 -21.57 24.86 -9.08
CA PRO A 156 -23.02 25.00 -9.22
C PRO A 156 -23.42 25.48 -10.61
N ASP A 157 -22.61 26.37 -11.20
CA ASP A 157 -22.90 26.89 -12.54
C ASP A 157 -22.53 25.88 -13.63
N GLY A 158 -21.78 24.85 -13.23
CA GLY A 158 -21.38 23.82 -14.16
C GLY A 158 -20.26 24.18 -15.13
N LYS A 159 -19.67 25.36 -14.97
CA LYS A 159 -18.61 25.79 -15.89
C LYS A 159 -17.19 25.46 -15.45
N TYR A 160 -17.05 25.02 -14.21
CA TYR A 160 -15.71 24.73 -13.66
C TYR A 160 -15.69 23.47 -12.82
N LEU A 161 -14.49 22.97 -12.55
CA LEU A 161 -14.30 21.78 -11.73
C LEU A 161 -13.12 22.02 -10.80
N PHE A 162 -13.32 21.74 -9.53
CA PHE A 162 -12.26 21.92 -8.53
C PHE A 162 -11.80 20.55 -8.03
N ALA A 163 -10.49 20.35 -7.97
CA ALA A 163 -9.93 19.08 -7.51
C ALA A 163 -9.05 19.30 -6.30
N ASP A 164 -9.49 18.80 -5.14
CA ASP A 164 -8.75 18.96 -3.89
C ASP A 164 -7.51 18.07 -3.86
N ASP A 165 -6.38 18.68 -3.53
CA ASP A 165 -5.10 17.95 -3.49
C ASP A 165 -4.55 17.98 -2.07
N LEU A 166 -4.81 16.92 -1.33
CA LEU A 166 -4.34 16.80 0.05
C LEU A 166 -2.82 16.82 0.16
N GLY A 167 -2.14 16.34 -0.89
CA GLY A 167 -0.69 16.28 -0.88
C GLY A 167 0.05 17.59 -1.09
N THR A 168 -0.56 18.57 -1.75
CA THR A 168 0.12 19.85 -2.01
C THR A 168 -0.62 21.07 -1.51
N ASP A 169 -1.65 20.85 -0.68
CA ASP A 169 -2.47 21.95 -0.14
C ASP A 169 -3.00 22.89 -1.20
N GLN A 170 -3.56 22.34 -2.25
CA GLN A 170 -4.12 23.13 -3.34
C GLN A 170 -5.46 22.59 -3.75
N ILE A 171 -6.24 23.46 -4.40
CA ILE A 171 -7.52 23.07 -4.97
C ILE A 171 -7.29 23.45 -6.42
N HIS A 172 -7.04 22.45 -7.27
CA HIS A 172 -6.80 22.70 -8.68
C HIS A 172 -8.05 23.13 -9.41
N LYS A 173 -7.91 24.07 -10.34
CA LYS A 173 -9.04 24.61 -11.07
C LYS A 173 -9.03 24.24 -12.56
N PHE A 174 -10.18 23.79 -13.05
CA PHE A 174 -10.32 23.43 -14.45
C PHE A 174 -11.55 24.05 -15.06
N ILE A 175 -11.50 24.27 -16.37
CA ILE A 175 -12.64 24.80 -17.11
C ILE A 175 -13.36 23.58 -17.66
N VAL A 176 -14.67 23.51 -17.45
CA VAL A 176 -15.46 22.37 -17.92
C VAL A 176 -16.13 22.63 -19.27
N ASN A 177 -15.90 21.73 -20.21
CA ASN A 177 -16.51 21.84 -21.54
C ASN A 177 -17.80 21.02 -21.52
N PRO A 178 -18.95 21.70 -21.41
CA PRO A 178 -20.25 21.03 -21.38
C PRO A 178 -20.59 20.26 -22.67
N ASN A 179 -19.84 20.53 -23.73
CA ASN A 179 -20.09 19.88 -25.00
C ASN A 179 -19.21 18.67 -25.26
N ALA A 180 -18.29 18.39 -24.34
CA ALA A 180 -17.39 17.25 -24.49
C ALA A 180 -18.13 15.94 -24.19
N LYS A 181 -18.12 15.03 -25.15
CA LYS A 181 -18.77 13.73 -25.00
C LYS A 181 -17.97 12.66 -25.73
N ALA A 182 -18.45 11.41 -25.65
CA ALA A 182 -17.77 10.30 -26.30
C ALA A 182 -17.81 10.40 -27.81
N ASP A 183 -18.76 11.19 -28.33
CA ASP A 183 -18.94 11.36 -29.76
C ASP A 183 -17.87 12.23 -30.43
N ASN A 184 -17.28 13.15 -29.69
CA ASN A 184 -16.29 14.04 -30.26
C ASN A 184 -14.91 13.95 -29.60
N GLU A 185 -14.04 14.88 -29.97
CA GLU A 185 -12.70 14.94 -29.41
C GLU A 185 -12.52 16.21 -28.58
N ASP A 186 -13.64 16.85 -28.23
CA ASP A 186 -13.58 18.07 -27.43
C ASP A 186 -13.03 17.75 -26.04
N VAL A 187 -11.96 18.45 -25.67
CA VAL A 187 -11.35 18.27 -24.35
C VAL A 187 -12.38 18.63 -23.27
N PHE A 188 -12.66 17.70 -22.37
CA PHE A 188 -13.64 17.94 -21.32
C PHE A 188 -13.13 18.85 -20.21
N LEU A 189 -11.93 18.58 -19.72
CA LEU A 189 -11.34 19.41 -18.68
C LEU A 189 -10.08 20.11 -19.17
N LYS A 190 -10.01 21.41 -18.95
CA LYS A 190 -8.86 22.21 -19.35
C LYS A 190 -8.39 23.04 -18.16
N GLU A 191 -7.08 23.15 -18.00
CA GLU A 191 -6.52 23.92 -16.89
C GLU A 191 -7.04 25.35 -16.89
N GLY A 192 -7.62 25.77 -15.76
CA GLY A 192 -8.15 27.12 -15.67
C GLY A 192 -7.14 28.14 -15.21
N SER A 193 -7.61 29.33 -14.88
CA SER A 193 -6.74 30.40 -14.42
C SER A 193 -7.31 31.06 -13.17
N PRO A 194 -6.55 31.03 -12.06
CA PRO A 194 -5.23 30.40 -11.96
C PRO A 194 -5.35 28.88 -11.95
N ALA A 195 -4.21 28.20 -12.07
CA ALA A 195 -4.18 26.74 -12.09
C ALA A 195 -4.76 26.12 -10.81
N SER A 196 -4.68 26.87 -9.71
CA SER A 196 -5.21 26.37 -8.45
C SER A 196 -5.32 27.48 -7.42
N TYR A 197 -5.93 27.15 -6.29
CA TYR A 197 -6.08 28.06 -5.17
C TYR A 197 -5.41 27.37 -3.99
N LYS A 198 -4.51 28.09 -3.32
CA LYS A 198 -3.77 27.53 -2.21
C LYS A 198 -4.40 27.73 -0.83
N VAL A 199 -4.17 26.76 0.06
CA VAL A 199 -4.65 26.84 1.42
C VAL A 199 -3.44 26.69 2.34
N GLU A 200 -3.62 27.03 3.61
CA GLU A 200 -2.57 26.96 4.62
C GLU A 200 -1.76 25.66 4.55
N ALA A 201 -0.44 25.80 4.59
CA ALA A 201 0.46 24.64 4.55
C ALA A 201 0.09 23.65 5.64
N GLY A 202 0.06 22.37 5.29
CA GLY A 202 -0.25 21.33 6.25
C GLY A 202 -1.74 21.07 6.42
N SER A 203 -2.58 21.80 5.69
CA SER A 203 -4.02 21.63 5.81
C SER A 203 -4.46 20.21 5.41
N GLY A 204 -4.08 19.80 4.20
CA GLY A 204 -4.47 18.48 3.72
C GLY A 204 -5.88 18.44 3.16
N PRO A 205 -6.21 19.26 2.15
CA PRO A 205 -7.54 19.32 1.52
C PRO A 205 -8.17 17.96 1.20
N ARG A 206 -9.35 17.71 1.76
CA ARG A 206 -10.03 16.44 1.50
C ARG A 206 -11.27 16.65 0.64
N HIS A 207 -12.41 16.91 1.28
CA HIS A 207 -13.65 17.11 0.54
C HIS A 207 -14.17 18.55 0.47
N LEU A 208 -14.81 18.87 -0.66
CA LEU A 208 -15.34 20.21 -0.88
C LEU A 208 -16.83 20.12 -1.20
N THR A 209 -17.62 20.99 -0.60
CA THR A 209 -19.04 21.02 -0.87
C THR A 209 -19.47 22.45 -1.10
N PHE A 210 -20.62 22.63 -1.76
CA PHE A 210 -21.15 23.95 -2.03
C PHE A 210 -22.46 24.15 -1.30
N ALA A 211 -22.73 25.37 -0.87
CA ALA A 211 -23.97 25.68 -0.18
C ALA A 211 -25.09 25.71 -1.21
N PRO A 212 -26.34 25.44 -0.78
CA PRO A 212 -27.50 25.46 -1.68
C PRO A 212 -27.62 26.76 -2.47
N ASN A 213 -27.25 27.86 -1.83
CA ASN A 213 -27.31 29.18 -2.47
C ASN A 213 -26.30 29.32 -3.61
N GLY A 214 -25.35 28.39 -3.67
CA GLY A 214 -24.36 28.39 -4.73
C GLY A 214 -23.36 29.54 -4.69
N SER A 215 -23.38 30.32 -3.61
CA SER A 215 -22.50 31.47 -3.49
C SER A 215 -21.35 31.24 -2.51
N TYR A 216 -21.31 30.06 -1.92
CA TYR A 216 -20.27 29.71 -0.95
C TYR A 216 -19.87 28.26 -1.08
N ALA A 217 -18.63 27.97 -0.73
CA ALA A 217 -18.11 26.61 -0.78
C ALA A 217 -17.33 26.38 0.51
N TYR A 218 -17.33 25.14 0.99
CA TYR A 218 -16.62 24.82 2.23
C TYR A 218 -15.78 23.56 2.08
N LEU A 219 -14.56 23.66 2.60
CA LEU A 219 -13.60 22.58 2.52
C LEU A 219 -13.26 21.99 3.89
N ILE A 220 -13.18 20.66 3.96
CA ILE A 220 -12.79 20.02 5.19
C ILE A 220 -11.37 19.50 4.93
N ASN A 221 -10.45 19.88 5.80
CA ASN A 221 -9.04 19.50 5.69
C ASN A 221 -8.74 18.31 6.58
N GLU A 222 -8.31 17.21 5.97
CA GLU A 222 -8.04 15.99 6.72
C GLU A 222 -6.93 16.10 7.76
N LEU A 223 -5.82 16.71 7.40
CA LEU A 223 -4.68 16.81 8.31
C LEU A 223 -4.81 17.89 9.38
N SER A 224 -5.10 19.11 8.95
CA SER A 224 -5.25 20.24 9.86
C SER A 224 -6.55 20.16 10.67
N GLY A 225 -7.57 19.51 10.11
CA GLY A 225 -8.84 19.39 10.81
C GLY A 225 -9.67 20.65 10.79
N THR A 226 -9.32 21.60 9.93
CA THR A 226 -10.08 22.84 9.85
C THR A 226 -11.07 22.83 8.71
N VAL A 227 -12.04 23.73 8.79
CA VAL A 227 -12.98 23.90 7.72
C VAL A 227 -12.68 25.29 7.22
N ILE A 228 -12.48 25.42 5.91
CA ILE A 228 -12.21 26.72 5.32
C ILE A 228 -13.45 27.08 4.52
N ALA A 229 -13.97 28.27 4.77
CA ALA A 229 -15.15 28.74 4.09
C ALA A 229 -14.71 29.70 2.98
N PHE A 230 -15.27 29.53 1.80
CA PHE A 230 -14.94 30.35 0.64
C PHE A 230 -16.18 31.00 0.07
N GLU A 231 -16.01 32.19 -0.50
CA GLU A 231 -17.11 32.82 -1.20
C GLU A 231 -16.84 32.31 -2.60
N TYR A 232 -17.88 31.99 -3.35
CA TYR A 232 -17.66 31.47 -4.69
C TYR A 232 -18.41 32.24 -5.76
N ASN A 233 -17.74 32.49 -6.87
CA ASN A 233 -18.36 33.17 -7.99
C ASN A 233 -17.58 32.98 -9.28
N ASP A 234 -18.28 32.47 -10.29
CA ASP A 234 -17.72 32.25 -11.61
C ASP A 234 -16.27 31.76 -11.61
N GLY A 235 -16.05 30.57 -11.03
CA GLY A 235 -14.72 29.98 -10.99
C GLY A 235 -13.74 30.50 -9.95
N GLU A 236 -14.16 31.48 -9.15
CA GLU A 236 -13.26 32.06 -8.15
C GLU A 236 -13.60 31.72 -6.70
N LEU A 237 -12.59 31.25 -5.97
CA LEU A 237 -12.74 30.93 -4.56
C LEU A 237 -11.96 31.95 -3.76
N LYS A 238 -12.62 32.62 -2.81
CA LYS A 238 -11.95 33.60 -1.97
C LYS A 238 -12.16 33.20 -0.54
N GLU A 239 -11.07 32.99 0.18
CA GLU A 239 -11.16 32.58 1.57
C GLU A 239 -11.84 33.63 2.46
N ILE A 240 -12.83 33.23 3.25
CA ILE A 240 -13.49 34.16 4.15
C ILE A 240 -13.35 33.75 5.61
N GLN A 241 -13.04 32.48 5.85
CA GLN A 241 -12.89 32.00 7.22
C GLN A 241 -12.31 30.60 7.36
N THR A 242 -11.57 30.40 8.43
CA THR A 242 -11.00 29.09 8.78
C THR A 242 -11.43 28.85 10.21
N ILE A 243 -11.91 27.65 10.50
CA ILE A 243 -12.34 27.30 11.84
C ILE A 243 -12.08 25.81 12.09
N ALA A 244 -11.80 25.46 13.34
CA ALA A 244 -11.48 24.09 13.70
C ALA A 244 -12.70 23.18 13.83
N ALA A 245 -12.65 22.04 13.16
CA ALA A 245 -13.72 21.06 13.25
C ALA A 245 -13.19 20.01 14.23
N ASP A 246 -11.91 19.70 14.08
CA ASP A 246 -11.25 18.78 14.96
C ASP A 246 -10.39 19.62 15.90
N THR A 247 -10.57 19.46 17.20
CA THR A 247 -9.83 20.25 18.17
C THR A 247 -8.79 19.44 18.97
N VAL A 248 -8.67 18.15 18.67
CA VAL A 248 -7.72 17.31 19.40
C VAL A 248 -6.49 16.89 18.58
N GLY A 249 -6.33 17.48 17.41
CA GLY A 249 -5.18 17.16 16.56
C GLY A 249 -5.14 15.71 16.11
N ALA A 250 -6.29 15.15 15.79
CA ALA A 250 -6.36 13.75 15.36
C ALA A 250 -5.83 13.54 13.95
N LYS A 251 -5.85 14.59 13.13
CA LYS A 251 -5.39 14.51 11.75
C LYS A 251 -6.11 13.40 11.01
N GLY A 252 -7.42 13.32 11.20
CA GLY A 252 -8.22 12.30 10.54
C GLY A 252 -9.60 12.77 10.11
N SER A 253 -9.74 14.05 9.77
CA SER A 253 -11.04 14.58 9.37
C SER A 253 -11.50 13.89 8.10
N GLY A 254 -12.81 13.86 7.88
CA GLY A 254 -13.31 13.15 6.73
C GLY A 254 -14.26 13.83 5.75
N ASP A 255 -15.55 13.83 6.08
CA ASP A 255 -16.57 14.36 5.17
C ASP A 255 -17.17 15.71 5.58
N ILE A 256 -17.93 16.31 4.66
CA ILE A 256 -18.55 17.60 4.92
C ILE A 256 -19.85 17.76 4.14
N HIS A 257 -20.91 18.15 4.84
CA HIS A 257 -22.22 18.35 4.22
C HIS A 257 -23.00 19.48 4.88
N ILE A 258 -23.81 20.17 4.07
CA ILE A 258 -24.63 21.26 4.56
C ILE A 258 -26.07 20.80 4.48
N SER A 259 -26.87 21.10 5.50
CA SER A 259 -28.27 20.68 5.51
C SER A 259 -29.02 21.32 4.34
N PRO A 260 -30.03 20.65 3.79
CA PRO A 260 -30.83 21.14 2.67
C PRO A 260 -31.27 22.61 2.78
N ASP A 261 -31.63 23.03 3.99
CA ASP A 261 -32.07 24.40 4.20
C ASP A 261 -30.91 25.39 4.22
N GLY A 262 -29.68 24.87 4.19
CA GLY A 262 -28.50 25.72 4.18
C GLY A 262 -28.21 26.42 5.49
N LYS A 263 -28.80 25.94 6.58
CA LYS A 263 -28.61 26.59 7.88
C LYS A 263 -27.53 25.96 8.77
N PHE A 264 -27.10 24.75 8.45
CA PHE A 264 -26.08 24.07 9.27
C PHE A 264 -25.07 23.28 8.44
N LEU A 265 -23.83 23.27 8.91
CA LEU A 265 -22.77 22.54 8.24
C LEU A 265 -22.20 21.51 9.20
N TYR A 266 -21.94 20.32 8.68
CA TYR A 266 -21.44 19.20 9.46
C TYR A 266 -20.12 18.70 8.88
N ALA A 267 -19.15 18.43 9.74
CA ALA A 267 -17.86 17.92 9.29
C ALA A 267 -17.49 16.78 10.22
N SER A 268 -17.04 15.66 9.65
CA SER A 268 -16.70 14.50 10.45
C SER A 268 -15.22 14.36 10.77
N ASN A 269 -14.94 13.73 11.92
CA ASN A 269 -13.58 13.51 12.36
C ASN A 269 -13.38 12.04 12.72
N ARG A 270 -12.16 11.53 12.49
CA ARG A 270 -11.83 10.14 12.78
C ARG A 270 -10.58 10.05 13.65
N LEU A 271 -10.23 8.81 14.04
CA LEU A 271 -9.01 8.52 14.81
C LEU A 271 -9.04 8.89 16.29
N LYS A 272 -9.57 10.05 16.62
CA LYS A 272 -9.65 10.47 18.01
C LYS A 272 -10.92 11.32 18.13
N ALA A 273 -11.74 11.04 19.15
CA ALA A 273 -12.98 11.77 19.35
C ALA A 273 -13.90 11.69 18.12
N ASP A 274 -14.01 10.50 17.55
CA ASP A 274 -14.84 10.24 16.36
C ASP A 274 -16.20 10.89 16.41
N GLY A 275 -16.53 11.69 15.41
CA GLY A 275 -17.82 12.34 15.37
C GLY A 275 -17.94 13.47 14.35
N LEU A 276 -19.03 14.24 14.47
CA LEU A 276 -19.27 15.36 13.58
C LEU A 276 -19.27 16.68 14.34
N ALA A 277 -18.64 17.69 13.75
CA ALA A 277 -18.63 19.03 14.34
C ALA A 277 -19.84 19.70 13.71
N ILE A 278 -20.62 20.42 14.52
CA ILE A 278 -21.82 21.07 14.02
C ILE A 278 -21.72 22.60 14.05
N PHE A 279 -21.90 23.25 12.91
CA PHE A 279 -21.82 24.70 12.85
C PHE A 279 -23.09 25.32 12.27
N SER A 280 -23.36 26.55 12.68
CA SER A 280 -24.49 27.31 12.17
C SER A 280 -23.90 28.15 11.06
N ILE A 281 -24.65 28.33 9.98
CA ILE A 281 -24.19 29.12 8.84
C ILE A 281 -24.87 30.50 8.84
N HIS A 282 -24.06 31.55 8.84
CA HIS A 282 -24.60 32.90 8.86
C HIS A 282 -25.43 33.13 7.59
N PRO A 283 -26.69 33.58 7.75
CA PRO A 283 -27.57 33.81 6.61
C PRO A 283 -27.14 34.92 5.64
N GLU A 284 -26.20 35.75 6.06
CA GLU A 284 -25.77 36.87 5.21
C GLU A 284 -24.35 36.74 4.66
N ASN A 285 -23.41 36.38 5.52
CA ASN A 285 -22.01 36.28 5.11
C ASN A 285 -21.49 34.85 4.97
N GLY A 286 -22.36 33.87 5.20
CA GLY A 286 -21.99 32.46 5.08
C GLY A 286 -20.90 31.94 6.01
N LEU A 288 -19.19 30.52 9.58
CA LEU A 288 -19.60 29.47 10.51
C LEU A 288 -19.43 29.78 11.99
N THR A 289 -20.33 29.23 12.80
CA THR A 289 -20.29 29.38 14.25
C THR A 289 -20.54 28.00 14.84
N LYS A 290 -19.58 27.47 15.58
CA LYS A 290 -19.74 26.14 16.16
C LYS A 290 -20.88 26.16 17.19
N VAL A 291 -21.74 25.15 17.13
CA VAL A 291 -22.87 25.09 18.05
C VAL A 291 -22.96 23.76 18.79
N GLY A 292 -22.27 22.74 18.27
CA GLY A 292 -22.33 21.45 18.95
C GLY A 292 -21.34 20.45 18.41
N TYR A 293 -21.31 19.29 19.04
CA TYR A 293 -20.41 18.22 18.63
C TYR A 293 -21.03 16.89 19.01
N GLN A 294 -21.09 15.97 18.06
CA GLN A 294 -21.70 14.67 18.31
C GLN A 294 -20.72 13.52 18.13
N LEU A 295 -20.47 12.77 19.21
CA LEU A 295 -19.59 11.61 19.14
C LEU A 295 -20.37 10.50 18.45
N THR A 296 -19.74 9.84 17.49
CA THR A 296 -20.42 8.79 16.72
C THR A 296 -19.73 7.44 16.84
N GLY A 297 -20.12 6.54 15.95
CA GLY A 297 -19.49 5.24 15.91
C GLY A 297 -18.08 5.50 15.44
N ILE A 298 -17.25 4.48 15.42
CA ILE A 298 -15.86 4.67 15.04
C ILE A 298 -15.54 4.74 13.53
N HIS A 299 -14.74 5.74 13.18
CA HIS A 299 -14.28 5.99 11.81
C HIS A 299 -15.37 6.48 10.84
N PRO A 300 -16.01 7.62 11.17
CA PRO A 300 -17.07 8.21 10.33
C PRO A 300 -16.48 8.91 9.10
N ARG A 301 -16.01 8.09 8.14
CA ARG A 301 -15.39 8.60 6.93
C ARG A 301 -16.39 9.28 5.99
N ASN A 302 -17.65 8.92 6.13
CA ASN A 302 -18.69 9.47 5.27
C ASN A 302 -20.05 9.53 5.95
N PHE A 303 -20.88 10.47 5.52
CA PHE A 303 -22.23 10.58 6.04
C PHE A 303 -23.10 11.32 5.04
N ILE A 304 -24.40 11.41 5.33
CA ILE A 304 -25.32 12.07 4.43
C ILE A 304 -26.56 12.55 5.19
N ILE A 305 -27.24 13.54 4.62
CA ILE A 305 -28.45 14.10 5.18
C ILE A 305 -29.60 13.83 4.20
N THR A 306 -30.71 13.35 4.71
CA THR A 306 -31.86 13.03 3.87
C THR A 306 -32.40 14.29 3.18
N PRO A 307 -33.01 14.11 2.00
CA PRO A 307 -33.58 15.22 1.24
C PRO A 307 -34.45 16.16 2.07
N ASN A 308 -35.32 15.61 2.91
CA ASN A 308 -36.20 16.42 3.75
C ASN A 308 -35.47 17.03 4.94
N GLY A 309 -34.18 16.72 5.06
CA GLY A 309 -33.36 17.24 6.14
C GLY A 309 -33.67 16.71 7.53
N LYS A 310 -34.50 15.67 7.62
CA LYS A 310 -34.86 15.12 8.93
C LYS A 310 -33.81 14.22 9.56
N TYR A 311 -33.11 13.44 8.73
CA TYR A 311 -32.12 12.51 9.25
C TYR A 311 -30.70 12.64 8.72
N LEU A 312 -29.73 12.28 9.55
CA LEU A 312 -28.34 12.31 9.16
C LEU A 312 -27.78 10.93 9.44
N LEU A 313 -27.38 10.23 8.38
CA LEU A 313 -26.84 8.88 8.50
C LEU A 313 -25.33 8.92 8.43
N VAL A 314 -24.68 8.25 9.37
CA VAL A 314 -23.22 8.22 9.47
C VAL A 314 -22.64 6.83 9.24
N ALA A 315 -21.82 6.69 8.21
CA ALA A 315 -21.19 5.43 7.91
C ALA A 315 -19.98 5.27 8.82
N CYS A 316 -20.06 4.34 9.77
CA CYS A 316 -18.97 4.09 10.70
C CYS A 316 -18.22 2.83 10.28
N ARG A 317 -17.13 3.02 9.55
CA ARG A 317 -16.32 1.91 9.03
C ARG A 317 -15.89 0.87 10.05
N ASP A 318 -15.33 1.32 11.17
CA ASP A 318 -14.84 0.40 12.19
C ASP A 318 -15.92 -0.23 13.07
N SER A 319 -17.05 0.45 13.24
CA SER A 319 -18.13 -0.08 14.05
C SER A 319 -19.06 -0.92 13.19
N ASN A 320 -18.74 -0.99 11.90
CA ASN A 320 -19.51 -1.74 10.93
C ASN A 320 -21.02 -1.45 11.00
N VAL A 321 -21.38 -0.18 11.05
CA VAL A 321 -22.79 0.21 11.10
C VAL A 321 -23.00 1.58 10.48
N ILE A 322 -24.23 1.83 10.03
CA ILE A 322 -24.61 3.13 9.52
C ILE A 322 -25.58 3.61 10.58
N GLN A 323 -25.17 4.58 11.37
CA GLN A 323 -26.01 5.12 12.44
C GLN A 323 -26.98 6.15 11.89
N VAL A 324 -28.16 6.24 12.49
CA VAL A 324 -29.17 7.20 12.06
C VAL A 324 -29.47 8.21 13.17
N TYR A 325 -29.26 9.48 12.87
CA TYR A 325 -29.47 10.56 13.83
C TYR A 325 -30.57 11.48 13.34
N GLU A 326 -31.54 11.77 14.21
CA GLU A 326 -32.59 12.69 13.82
C GLU A 326 -32.01 14.07 14.02
N ARG A 327 -32.31 14.99 13.11
CA ARG A 327 -31.78 16.34 13.21
C ARG A 327 -32.83 17.23 13.83
N ASP A 328 -32.41 18.16 14.68
CA ASP A 328 -33.37 19.11 15.24
C ASP A 328 -33.31 20.24 14.24
N THR A 329 -34.45 20.52 13.62
CA THR A 329 -34.55 21.56 12.60
C THR A 329 -33.97 22.93 12.96
N ASP A 330 -34.20 23.36 14.20
CA ASP A 330 -33.76 24.68 14.64
C ASP A 330 -32.36 24.78 15.23
N THR A 331 -31.90 23.73 15.90
CA THR A 331 -30.58 23.76 16.55
C THR A 331 -29.49 23.04 15.77
N GLY A 332 -29.89 22.22 14.81
CA GLY A 332 -28.92 21.49 14.05
C GLY A 332 -28.38 20.28 14.80
N LEU A 333 -28.63 20.23 16.12
CA LEU A 333 -28.14 19.12 16.94
C LEU A 333 -28.76 17.78 16.54
N LEU A 334 -28.03 16.70 16.86
CA LEU A 334 -28.44 15.34 16.47
C LEU A 334 -28.84 14.40 17.62
N THR A 335 -29.72 13.44 17.31
CA THR A 335 -30.16 12.46 18.29
C THR A 335 -30.21 11.06 17.68
N ASP A 336 -29.43 10.15 18.25
CA ASP A 336 -29.37 8.77 17.77
C ASP A 336 -30.72 8.07 18.00
N ILE A 337 -31.39 7.66 16.93
CA ILE A 337 -32.68 6.99 17.04
C ILE A 337 -32.58 5.48 17.21
N ARG A 338 -31.36 4.99 17.33
CA ARG A 338 -31.13 3.56 17.55
C ARG A 338 -31.63 2.64 16.44
N LYS A 339 -31.30 2.97 15.20
CA LYS A 339 -31.70 2.13 14.08
C LYS A 339 -30.48 1.86 13.21
N ASP A 340 -29.43 1.34 13.85
CA ASP A 340 -28.18 1.03 13.16
C ASP A 340 -28.39 0.05 12.01
N ILE A 341 -27.76 0.32 10.87
CA ILE A 341 -27.84 -0.58 9.73
C ILE A 341 -26.50 -1.29 9.73
N LYS A 342 -26.53 -2.59 10.02
CA LYS A 342 -25.27 -3.34 10.07
C LYS A 342 -24.73 -3.71 8.70
N VAL A 343 -23.45 -3.41 8.49
CA VAL A 343 -22.76 -3.70 7.24
C VAL A 343 -21.27 -3.60 7.50
N ASP A 344 -20.51 -4.49 6.88
CA ASP A 344 -19.06 -4.49 7.08
C ASP A 344 -18.35 -3.36 6.32
N LYS A 345 -17.72 -2.47 7.08
CA LYS A 345 -16.96 -1.37 6.51
C LYS A 345 -17.65 -0.45 5.51
N PRO A 346 -18.78 0.17 5.90
CA PRO A 346 -19.47 1.08 4.99
C PRO A 346 -18.66 2.37 4.95
N VAL A 347 -18.44 2.93 3.76
CA VAL A 347 -17.65 4.16 3.68
C VAL A 347 -18.24 5.18 2.72
N CYS A 348 -19.44 4.90 2.22
CA CYS A 348 -20.10 5.82 1.30
C CYS A 348 -21.60 5.56 1.23
N ILE A 349 -22.38 6.65 1.33
CA ILE A 349 -23.83 6.58 1.28
C ILE A 349 -24.37 7.61 0.29
N LYS A 350 -25.27 7.19 -0.58
CA LYS A 350 -25.89 8.09 -1.54
C LYS A 350 -27.35 7.68 -1.70
N PHE A 351 -28.18 8.62 -2.14
CA PHE A 351 -29.59 8.34 -2.38
C PHE A 351 -29.79 8.51 -3.88
N VAL A 352 -30.76 7.79 -4.44
CA VAL A 352 -31.01 7.87 -5.87
C VAL A 352 -32.06 8.93 -6.17
N PRO A 353 -31.60 10.10 -6.61
CA PRO A 353 -32.48 11.23 -6.94
C PRO A 353 -33.88 10.78 -7.36
N GLN B 4 -7.44 -16.67 1.58
CA GLN B 4 -7.33 -17.54 2.80
C GLN B 4 -5.89 -17.80 3.22
N ASP B 5 -5.50 -19.07 3.21
CA ASP B 5 -4.16 -19.49 3.61
C ASP B 5 -3.07 -19.10 2.64
N LEU B 6 -1.91 -18.77 3.18
CA LEU B 6 -0.78 -18.42 2.36
C LEU B 6 -0.10 -19.74 2.04
N THR B 7 0.74 -19.76 1.03
CA THR B 7 1.48 -20.97 0.71
C THR B 7 2.91 -20.61 1.10
N ILE B 9 7.06 -21.67 1.60
CA ILE B 9 8.15 -22.51 1.13
C ILE B 9 9.31 -22.37 2.10
N VAL B 10 9.91 -23.50 2.47
CA VAL B 10 11.03 -23.50 3.41
C VAL B 10 12.29 -24.14 2.83
N GLY B 11 13.42 -23.44 2.97
CA GLY B 11 14.70 -23.97 2.49
C GLY B 11 15.53 -24.42 3.68
N THR B 12 16.40 -25.41 3.49
CA THR B 12 17.21 -25.96 4.57
C THR B 12 18.63 -26.35 4.14
N TYR B 13 19.44 -26.76 5.10
CA TYR B 13 20.77 -27.28 4.80
C TYR B 13 20.46 -28.77 4.87
N THR B 14 20.93 -29.52 3.89
CA THR B 14 20.60 -30.93 3.81
C THR B 14 21.61 -31.95 4.36
N SER B 15 22.50 -31.50 5.23
CA SER B 15 23.51 -32.41 5.81
C SER B 15 22.85 -33.38 6.78
N GLY B 16 21.70 -32.98 7.32
CA GLY B 16 20.99 -33.82 8.27
C GLY B 16 19.78 -34.50 7.68
N ASP B 17 18.71 -34.57 8.46
CA ASP B 17 17.49 -35.23 8.01
C ASP B 17 16.70 -34.47 6.94
N SER B 18 16.95 -33.17 6.80
CA SER B 18 16.23 -32.42 5.78
C SER B 18 16.68 -32.83 4.40
N LYS B 19 15.74 -32.84 3.47
CA LYS B 19 16.06 -33.24 2.11
C LYS B 19 16.04 -32.08 1.12
N GLY B 20 15.70 -30.89 1.59
CA GLY B 20 15.69 -29.74 0.67
C GLY B 20 14.60 -28.71 0.89
N LEU B 21 13.65 -28.67 -0.04
CA LEU B 21 12.54 -27.72 0.02
C LEU B 21 11.27 -28.36 0.61
N TYR B 22 10.53 -27.57 1.36
CA TYR B 22 9.30 -28.00 2.00
C TYR B 22 8.20 -26.97 1.79
N SER B 23 7.02 -27.43 1.39
CA SER B 23 5.91 -26.52 1.17
C SER B 23 4.86 -26.72 2.26
N PHE B 24 4.18 -25.63 2.62
CA PHE B 24 3.14 -25.64 3.64
C PHE B 24 2.03 -24.66 3.30
N ARG B 25 0.90 -24.82 3.99
CA ARG B 25 -0.17 -23.86 3.87
C ARG B 25 0.06 -23.14 5.19
N PHE B 26 -0.09 -21.83 5.24
CA PHE B 26 0.07 -21.15 6.51
C PHE B 26 -1.07 -20.17 6.71
N ASN B 27 -1.83 -20.38 7.77
CA ASN B 27 -2.95 -19.51 8.09
C ASN B 27 -2.41 -18.29 8.82
N GLU B 28 -2.43 -17.13 8.17
CA GLU B 28 -1.91 -15.93 8.79
C GLU B 28 -2.89 -15.27 9.74
N GLU B 29 -3.99 -15.95 10.05
CA GLU B 29 -4.97 -15.42 10.97
C GLU B 29 -4.89 -16.12 12.32
N ASN B 30 -4.41 -17.37 12.34
CA ASN B 30 -4.26 -18.08 13.60
C ASN B 30 -2.87 -18.70 13.75
N GLY B 31 -2.00 -18.44 12.79
CA GLY B 31 -0.62 -18.93 12.83
C GLY B 31 -0.39 -20.43 12.69
N THR B 32 -1.37 -21.14 12.13
CA THR B 32 -1.27 -22.59 11.96
C THR B 32 -0.69 -22.96 10.59
N ALA B 33 0.21 -23.93 10.57
CA ALA B 33 0.84 -24.39 9.34
C ALA B 33 0.41 -25.82 9.02
N THR B 34 0.22 -26.10 7.75
CA THR B 34 -0.18 -27.44 7.31
C THR B 34 0.81 -27.93 6.25
N ALA B 35 1.49 -29.03 6.54
CA ALA B 35 2.47 -29.59 5.63
C ALA B 35 1.83 -30.04 4.34
N LEU B 36 2.54 -29.88 3.23
CA LEU B 36 2.07 -30.28 1.92
C LEU B 36 3.04 -31.28 1.30
N SER B 37 4.03 -30.78 0.57
CA SER B 37 5.00 -31.63 -0.10
C SER B 37 6.45 -31.23 0.17
N GLU B 38 7.37 -31.84 -0.58
CA GLU B 38 8.79 -31.58 -0.44
C GLU B 38 9.52 -31.83 -1.76
N ALA B 39 10.72 -31.29 -1.87
CA ALA B 39 11.53 -31.49 -3.07
C ALA B 39 12.95 -31.77 -2.64
N GLU B 40 13.49 -32.92 -3.04
CA GLU B 40 14.85 -33.26 -2.68
C GLU B 40 15.84 -32.53 -3.57
N VAL B 41 16.55 -31.58 -2.97
CA VAL B 41 17.57 -30.81 -3.66
C VAL B 41 18.55 -30.44 -2.57
N GLU B 42 19.84 -30.40 -2.89
CA GLU B 42 20.84 -30.11 -1.88
C GLU B 42 21.08 -28.64 -1.53
N ASN B 43 21.27 -28.40 -0.22
CA ASN B 43 21.52 -27.08 0.35
C ASN B 43 20.83 -25.89 -0.29
N PRO B 44 19.49 -25.91 -0.35
CA PRO B 44 18.76 -24.77 -0.94
C PRO B 44 18.57 -23.71 0.14
N SER B 45 19.68 -23.12 0.57
CA SER B 45 19.66 -22.13 1.64
C SER B 45 18.88 -20.85 1.35
N TYR B 46 18.59 -20.58 0.09
CA TYR B 46 17.80 -19.38 -0.24
C TYR B 46 17.01 -19.68 -1.49
N LEU B 47 15.84 -19.07 -1.61
CA LEU B 47 14.96 -19.32 -2.74
C LEU B 47 14.06 -18.14 -3.04
N VAL B 48 13.56 -18.09 -4.27
CA VAL B 48 12.66 -17.02 -4.67
C VAL B 48 11.61 -17.52 -5.68
N PRO B 49 10.34 -17.26 -5.38
CA PRO B 49 9.27 -17.70 -6.28
C PRO B 49 9.09 -16.63 -7.35
N SER B 50 8.58 -17.02 -8.52
CA SER B 50 8.37 -16.04 -9.58
C SER B 50 7.18 -15.18 -9.17
N ALA B 51 6.98 -14.06 -9.84
CA ALA B 51 5.86 -13.19 -9.52
C ALA B 51 4.58 -14.02 -9.64
N ASP B 52 4.64 -15.05 -10.48
CA ASP B 52 3.54 -15.94 -10.78
C ASP B 52 3.21 -16.96 -9.71
N GLY B 53 4.24 -17.49 -9.06
CA GLY B 53 4.02 -18.53 -8.08
C GLY B 53 4.04 -19.82 -8.86
N LYS B 54 4.33 -19.71 -10.15
CA LYS B 54 4.40 -20.87 -11.04
C LYS B 54 5.79 -21.51 -11.04
N PHE B 55 6.78 -20.77 -10.55
CA PHE B 55 8.15 -21.25 -10.51
C PHE B 55 8.88 -20.85 -9.24
N ILE B 56 9.83 -21.67 -8.83
CA ILE B 56 10.65 -21.39 -7.66
C ILE B 56 12.10 -21.61 -8.04
N TYR B 57 12.96 -20.65 -7.70
CA TYR B 57 14.38 -20.76 -8.01
C TYR B 57 15.13 -20.86 -6.69
N ALA B 58 15.84 -21.96 -6.51
CA ALA B 58 16.60 -22.19 -5.29
C ALA B 58 18.05 -22.47 -5.56
N VAL B 59 18.90 -21.95 -4.69
CA VAL B 59 20.32 -22.16 -4.83
C VAL B 59 20.66 -23.54 -4.27
N SER B 60 21.89 -23.97 -4.54
CA SER B 60 22.43 -25.21 -3.98
C SER B 60 23.77 -24.69 -3.49
N GLU B 61 23.81 -24.32 -2.21
CA GLU B 61 25.01 -23.76 -1.61
C GLU B 61 26.09 -24.80 -1.34
N PHE B 62 27.14 -24.76 -2.17
CA PHE B 62 28.27 -25.67 -2.04
C PHE B 62 29.53 -24.83 -2.22
N SER B 63 30.59 -25.21 -1.51
CA SER B 63 31.84 -24.46 -1.62
C SER B 63 32.76 -25.06 -2.68
N ASN B 64 32.17 -25.74 -3.65
CA ASN B 64 32.93 -26.35 -4.73
C ASN B 64 32.25 -26.17 -6.08
N GLU B 65 32.57 -27.05 -7.02
CA GLU B 65 31.99 -26.98 -8.36
C GLU B 65 30.53 -27.41 -8.42
N GLN B 66 29.97 -27.81 -7.28
CA GLN B 66 28.58 -28.23 -7.25
C GLN B 66 27.64 -27.02 -7.14
N ALA B 67 28.19 -25.89 -6.72
CA ALA B 67 27.41 -24.66 -6.58
C ALA B 67 26.52 -24.44 -7.78
N ALA B 68 25.22 -24.29 -7.54
CA ALA B 68 24.28 -24.13 -8.63
C ALA B 68 23.03 -23.36 -8.26
N ALA B 69 22.19 -23.12 -9.27
CA ALA B 69 20.90 -22.47 -9.11
C ALA B 69 19.94 -23.51 -9.68
N ASN B 70 18.86 -23.78 -8.97
CA ASN B 70 17.89 -24.78 -9.40
C ASN B 70 16.58 -24.12 -9.83
N ALA B 71 15.93 -24.69 -10.84
CA ALA B 71 14.65 -24.15 -11.33
C ALA B 71 13.55 -25.18 -11.13
N PHE B 72 12.51 -24.80 -10.40
CA PHE B 72 11.39 -25.68 -10.11
C PHE B 72 10.07 -25.13 -10.63
N ALA B 73 9.23 -26.02 -11.15
CA ALA B 73 7.89 -25.62 -11.58
C ALA B 73 7.12 -25.81 -10.28
N PHE B 74 6.23 -24.89 -9.96
CA PHE B 74 5.49 -25.01 -8.71
C PHE B 74 4.00 -24.97 -8.90
N ASN B 75 3.33 -26.02 -8.40
CA ASN B 75 1.88 -26.12 -8.47
C ASN B 75 1.32 -25.75 -7.11
N LYS B 76 0.87 -24.49 -6.97
CA LYS B 76 0.31 -24.01 -5.71
C LYS B 76 -0.94 -24.78 -5.29
N GLU B 77 -1.74 -25.21 -6.26
CA GLU B 77 -2.96 -25.95 -5.96
C GLU B 77 -2.70 -27.27 -5.25
N GLU B 78 -1.67 -27.98 -5.71
CA GLU B 78 -1.31 -29.27 -5.12
C GLU B 78 -0.16 -29.12 -4.12
N GLY B 79 0.56 -28.00 -4.20
CA GLY B 79 1.68 -27.75 -3.32
C GLY B 79 2.87 -28.63 -3.65
N THR B 80 2.95 -29.06 -4.91
CA THR B 80 4.03 -29.94 -5.36
C THR B 80 5.14 -29.27 -6.18
N PHE B 81 6.32 -29.89 -6.16
CA PHE B 81 7.50 -29.38 -6.87
C PHE B 81 7.91 -30.31 -8.01
N ARG B 82 8.42 -29.73 -9.10
CA ARG B 82 8.92 -30.52 -10.23
C ARG B 82 10.21 -29.87 -10.68
N LEU B 83 11.33 -30.55 -10.43
CA LEU B 83 12.64 -30.03 -10.81
C LEU B 83 12.77 -29.89 -12.32
N LEU B 84 12.97 -28.65 -12.77
CA LEU B 84 13.14 -28.38 -14.20
C LEU B 84 14.59 -28.67 -14.58
N ASN B 85 15.52 -27.89 -14.05
CA ASN B 85 16.94 -28.11 -14.34
C ASN B 85 17.85 -27.43 -13.32
N THR B 86 19.15 -27.64 -13.48
CA THR B 86 20.15 -27.08 -12.58
C THR B 86 21.32 -26.56 -13.42
N GLN B 87 21.78 -25.35 -13.12
CA GLN B 87 22.88 -24.73 -13.83
C GLN B 87 23.93 -24.22 -12.84
N LYS B 88 25.20 -24.44 -13.18
CA LYS B 88 26.29 -24.02 -12.30
C LYS B 88 26.39 -22.51 -12.20
N THR B 89 26.81 -22.02 -11.04
CA THR B 89 26.96 -20.60 -10.83
C THR B 89 28.36 -20.14 -11.23
N GLY B 90 29.31 -21.07 -11.23
CA GLY B 90 30.67 -20.71 -11.56
C GLY B 90 31.21 -19.82 -10.45
N GLY B 91 30.58 -19.91 -9.30
CA GLY B 91 30.98 -19.15 -8.12
C GLY B 91 30.56 -19.91 -6.87
N GLU B 92 31.50 -20.18 -5.98
CA GLU B 92 31.19 -20.96 -4.78
C GLU B 92 30.25 -20.31 -3.76
N ASP B 93 29.52 -21.18 -3.05
CA ASP B 93 28.59 -20.82 -2.01
C ASP B 93 27.51 -19.76 -2.33
N PRO B 94 26.71 -20.01 -3.37
CA PRO B 94 25.65 -19.06 -3.71
C PRO B 94 24.68 -19.06 -2.52
N CYS B 95 24.47 -17.89 -1.92
CA CYS B 95 23.67 -17.78 -0.71
C CYS B 95 22.47 -16.83 -0.73
N TYR B 96 22.14 -16.29 -1.91
CA TYR B 96 21.02 -15.37 -2.06
C TYR B 96 20.63 -15.47 -3.51
N ILE B 97 19.34 -15.35 -3.78
CA ILE B 97 18.86 -15.48 -5.16
C ILE B 97 17.61 -14.62 -5.41
N ILE B 98 17.53 -14.03 -6.60
CA ILE B 98 16.41 -13.19 -6.96
C ILE B 98 16.02 -13.43 -8.42
N THR B 99 14.92 -12.82 -8.84
CA THR B 99 14.44 -12.93 -10.21
C THR B 99 13.64 -11.70 -10.60
N ASN B 100 13.77 -11.26 -11.83
CA ASN B 100 13.02 -10.09 -12.30
C ASN B 100 12.03 -10.57 -13.37
N GLY B 101 11.86 -11.89 -13.45
CA GLY B 101 10.96 -12.46 -14.42
C GLY B 101 11.66 -12.77 -15.74
N SER B 102 12.82 -12.18 -15.94
CA SER B 102 13.58 -12.40 -17.16
C SER B 102 14.89 -13.12 -16.87
N ASN B 103 15.51 -12.80 -15.74
CA ASN B 103 16.79 -13.39 -15.35
C ASN B 103 16.84 -13.68 -13.86
N VAL B 104 17.61 -14.70 -13.48
CA VAL B 104 17.79 -15.05 -12.09
C VAL B 104 19.20 -14.59 -11.72
N VAL B 105 19.36 -14.09 -10.50
CA VAL B 105 20.68 -13.63 -10.05
C VAL B 105 21.06 -14.22 -8.70
N THR B 106 22.30 -14.68 -8.57
CA THR B 106 22.77 -15.24 -7.31
C THR B 106 23.96 -14.46 -6.79
N ALA B 107 24.03 -14.34 -5.46
CA ALA B 107 25.16 -13.67 -4.82
C ALA B 107 25.96 -14.87 -4.33
N ASN B 108 27.22 -14.95 -4.76
CA ASN B 108 28.10 -16.07 -4.41
C ASN B 108 29.10 -15.65 -3.34
N TYR B 109 28.91 -16.18 -2.13
CA TYR B 109 29.73 -15.86 -0.97
C TYR B 109 31.21 -16.18 -1.11
N SER B 110 31.53 -17.44 -1.39
CA SER B 110 32.93 -17.84 -1.51
C SER B 110 33.54 -17.50 -2.87
N GLY B 111 32.70 -17.37 -3.88
CA GLY B 111 33.20 -17.01 -5.19
C GLY B 111 33.52 -15.53 -5.31
N GLY B 112 32.93 -14.73 -4.42
CA GLY B 112 33.13 -13.30 -4.46
C GLY B 112 32.64 -12.74 -5.79
N SER B 113 31.43 -13.14 -6.16
CA SER B 113 30.86 -12.74 -7.44
C SER B 113 29.35 -12.92 -7.46
N ILE B 114 28.74 -12.47 -8.55
CA ILE B 114 27.31 -12.64 -8.76
C ILE B 114 27.16 -13.28 -10.13
N SER B 115 26.16 -14.14 -10.26
CA SER B 115 25.89 -14.83 -11.52
C SER B 115 24.50 -14.51 -12.08
N VAL B 116 24.41 -14.43 -13.41
CA VAL B 116 23.15 -14.14 -14.06
C VAL B 116 22.69 -15.31 -14.92
N PHE B 117 21.47 -15.77 -14.68
CA PHE B 117 20.89 -16.88 -15.45
C PHE B 117 19.66 -16.44 -16.21
N PRO B 118 19.74 -16.39 -17.54
CA PRO B 118 18.57 -15.99 -18.34
C PRO B 118 17.50 -17.06 -18.14
N ILE B 119 16.24 -16.66 -18.10
CA ILE B 119 15.16 -17.62 -17.93
C ILE B 119 14.61 -18.03 -19.28
N ASP B 120 14.53 -19.33 -19.52
CA ASP B 120 14.05 -19.85 -20.79
C ASP B 120 12.53 -19.75 -20.85
N LYS B 121 12.01 -19.96 -22.04
CA LYS B 121 10.57 -19.90 -22.29
C LYS B 121 9.76 -20.74 -21.31
N ASP B 122 10.27 -21.89 -20.91
CA ASP B 122 9.53 -22.78 -20.03
C ASP B 122 9.80 -22.64 -18.53
N GLY B 123 10.46 -21.56 -18.13
CA GLY B 123 10.74 -21.33 -16.73
C GLY B 123 12.08 -21.87 -16.24
N SER B 124 12.73 -22.70 -17.04
CA SER B 124 14.03 -23.25 -16.63
C SER B 124 15.10 -22.20 -16.83
N LEU B 125 16.31 -22.52 -16.39
CA LEU B 125 17.41 -21.60 -16.52
C LEU B 125 18.41 -22.06 -17.57
N LEU B 126 18.89 -21.10 -18.35
CA LEU B 126 19.90 -21.39 -19.33
C LEU B 126 21.19 -21.30 -18.50
N PRO B 127 22.33 -21.65 -19.10
CA PRO B 127 23.59 -21.57 -18.36
C PRO B 127 23.90 -20.13 -17.99
N ALA B 128 24.68 -19.93 -16.92
CA ALA B 128 25.04 -18.58 -16.49
C ALA B 128 25.47 -17.76 -17.68
N SER B 129 24.84 -16.59 -17.83
CA SER B 129 25.11 -15.68 -18.92
C SER B 129 26.14 -14.61 -18.58
N GLU B 130 26.15 -14.20 -17.31
CA GLU B 130 27.05 -13.16 -16.83
C GLU B 130 27.51 -13.45 -15.41
N VAL B 131 28.81 -13.45 -15.19
CA VAL B 131 29.31 -13.64 -13.84
C VAL B 131 30.30 -12.50 -13.61
N VAL B 132 30.01 -11.67 -12.62
CA VAL B 132 30.87 -10.54 -12.32
C VAL B 132 31.66 -10.87 -11.05
N LYS B 133 32.97 -10.91 -11.18
CA LYS B 133 33.85 -11.21 -10.06
C LYS B 133 34.47 -9.92 -9.51
N PHE B 134 34.40 -9.77 -8.20
CA PHE B 134 34.94 -8.60 -7.52
C PHE B 134 36.27 -8.92 -6.84
N LYS B 135 37.03 -7.88 -6.51
CA LYS B 135 38.32 -8.06 -5.86
C LYS B 135 38.40 -7.11 -4.69
N GLY B 136 39.26 -7.44 -3.72
CA GLY B 136 39.43 -6.57 -2.57
C GLY B 136 39.43 -7.35 -1.27
N SER B 137 39.57 -6.62 -0.17
CA SER B 137 39.57 -7.25 1.14
C SER B 137 39.20 -6.19 2.15
N GLY B 138 39.02 -6.60 3.40
CA GLY B 138 38.63 -5.64 4.39
C GLY B 138 39.44 -5.59 5.67
N ALA B 139 38.78 -5.05 6.69
CA ALA B 139 39.35 -4.87 8.01
C ALA B 139 39.58 -6.17 8.75
N ASP B 140 38.54 -6.98 8.91
CA ASP B 140 38.65 -8.26 9.59
C ASP B 140 39.46 -9.16 8.68
N LYS B 141 40.64 -9.52 9.11
CA LYS B 141 41.49 -10.30 8.23
C LYS B 141 41.27 -11.82 8.14
N GLU B 142 40.28 -12.34 8.86
CA GLU B 142 39.94 -13.76 8.73
C GLU B 142 38.63 -13.88 7.96
N ARG B 143 37.72 -12.92 8.16
CA ARG B 143 36.43 -12.94 7.48
C ARG B 143 36.37 -12.05 6.24
N GLN B 144 37.30 -11.12 6.14
CA GLN B 144 37.34 -10.20 5.01
C GLN B 144 38.67 -10.28 4.27
N GLU B 145 39.12 -11.51 4.01
CA GLU B 145 40.38 -11.75 3.31
C GLU B 145 40.19 -11.53 1.82
N LYS B 146 38.96 -11.71 1.35
CA LYS B 146 38.61 -11.53 -0.05
C LYS B 146 37.12 -11.20 -0.14
N PRO B 147 36.64 -10.86 -1.34
CA PRO B 147 35.21 -10.53 -1.49
C PRO B 147 34.27 -11.67 -1.13
N HIS B 148 33.11 -11.31 -0.58
CA HIS B 148 32.10 -12.28 -0.21
C HIS B 148 30.75 -11.64 -0.47
N LEU B 149 30.13 -11.97 -1.60
CA LEU B 149 28.83 -11.43 -1.95
C LEU B 149 27.71 -12.18 -1.24
N HIS B 150 26.92 -11.44 -0.48
CA HIS B 150 25.87 -12.01 0.36
C HIS B 150 24.43 -11.69 -0.02
N CYS B 151 24.21 -10.69 -0.86
CA CYS B 151 22.85 -10.30 -1.20
C CYS B 151 22.81 -9.50 -2.49
N VAL B 152 21.73 -9.65 -3.23
CA VAL B 152 21.51 -8.90 -4.46
C VAL B 152 20.05 -8.47 -4.42
N ARG B 153 19.83 -7.19 -4.67
CA ARG B 153 18.47 -6.67 -4.65
C ARG B 153 18.27 -5.64 -5.74
N ILE B 154 17.17 -5.80 -6.47
CA ILE B 154 16.83 -4.84 -7.53
C ILE B 154 15.99 -3.78 -6.83
N THR B 155 16.39 -2.52 -7.00
CA THR B 155 15.70 -1.40 -6.37
C THR B 155 14.21 -1.35 -6.67
N PRO B 156 13.44 -0.64 -5.82
CA PRO B 156 11.98 -0.50 -5.97
C PRO B 156 11.58 0.02 -7.34
N ASP B 157 12.44 0.86 -7.93
CA ASP B 157 12.16 1.43 -9.24
C ASP B 157 12.46 0.45 -10.37
N GLY B 158 13.22 -0.59 -10.06
CA GLY B 158 13.58 -1.61 -11.06
C GLY B 158 14.77 -1.25 -11.92
N LYS B 159 15.30 -0.04 -11.76
CA LYS B 159 16.41 0.44 -12.57
C LYS B 159 17.82 0.04 -12.15
N TYR B 160 18.01 -0.36 -10.89
CA TYR B 160 19.34 -0.70 -10.40
C TYR B 160 19.37 -1.98 -9.55
N LEU B 161 20.58 -2.47 -9.32
CA LEU B 161 20.78 -3.67 -8.50
C LEU B 161 21.96 -3.42 -7.56
N PHE B 162 21.75 -3.70 -6.28
CA PHE B 162 22.80 -3.53 -5.29
C PHE B 162 23.27 -4.89 -4.78
N ALA B 163 24.59 -5.08 -4.73
CA ALA B 163 25.18 -6.33 -4.27
C ALA B 163 26.03 -6.11 -3.02
N ASP B 164 25.57 -6.63 -1.88
CA ASP B 164 26.28 -6.50 -0.61
C ASP B 164 27.53 -7.37 -0.56
N ASP B 165 28.67 -6.75 -0.27
CA ASP B 165 29.94 -7.45 -0.21
C ASP B 165 30.53 -7.41 1.20
N LEU B 166 30.29 -8.48 1.93
CA LEU B 166 30.76 -8.61 3.31
C LEU B 166 32.28 -8.53 3.38
N GLY B 167 32.95 -9.12 2.39
CA GLY B 167 34.40 -9.12 2.37
C GLY B 167 35.09 -7.79 2.19
N THR B 168 34.44 -6.83 1.53
CA THR B 168 35.09 -5.54 1.27
C THR B 168 34.33 -4.31 1.74
N ASP B 169 33.29 -4.51 2.55
CA ASP B 169 32.50 -3.40 3.08
C ASP B 169 32.01 -2.44 2.01
N GLN B 170 31.49 -2.99 0.93
CA GLN B 170 30.98 -2.19 -0.16
C GLN B 170 29.63 -2.73 -0.58
N ILE B 171 28.82 -1.85 -1.16
CA ILE B 171 27.55 -2.26 -1.73
C ILE B 171 27.78 -1.90 -3.19
N HIS B 172 28.07 -2.91 -3.99
CA HIS B 172 28.33 -2.72 -5.40
C HIS B 172 27.07 -2.27 -6.13
N LYS B 173 27.22 -1.34 -7.07
CA LYS B 173 26.11 -0.79 -7.81
C LYS B 173 26.11 -1.20 -9.27
N PHE B 174 24.93 -1.54 -9.79
CA PHE B 174 24.79 -1.93 -11.17
C PHE B 174 23.57 -1.32 -11.81
N ILE B 175 23.60 -1.15 -13.13
CA ILE B 175 22.44 -0.63 -13.86
C ILE B 175 21.73 -1.84 -14.44
N VAL B 176 20.43 -1.95 -14.19
CA VAL B 176 19.64 -3.07 -14.69
C VAL B 176 19.01 -2.79 -16.05
N ASN B 177 19.26 -3.68 -17.02
CA ASN B 177 18.69 -3.52 -18.36
C ASN B 177 17.37 -4.28 -18.43
N PRO B 178 16.25 -3.55 -18.47
CA PRO B 178 14.89 -4.11 -18.54
C PRO B 178 14.63 -5.03 -19.71
N ASN B 179 15.35 -4.80 -20.82
CA ASN B 179 15.14 -5.58 -22.02
C ASN B 179 16.06 -6.78 -22.22
N ALA B 180 16.97 -7.00 -21.27
CA ALA B 180 17.88 -8.14 -21.36
C ALA B 180 17.13 -9.43 -21.02
N LYS B 181 17.12 -10.36 -21.97
CA LYS B 181 16.45 -11.64 -21.76
C LYS B 181 17.15 -12.77 -22.52
N ALA B 182 16.68 -13.98 -22.31
CA ALA B 182 17.28 -15.18 -22.91
C ALA B 182 17.50 -15.14 -24.42
N ASP B 183 16.59 -14.51 -25.16
CA ASP B 183 16.70 -14.48 -26.63
C ASP B 183 17.69 -13.50 -27.23
N ASN B 184 18.06 -12.44 -26.51
CA ASN B 184 19.01 -11.46 -27.04
C ASN B 184 20.33 -11.50 -26.28
N GLU B 185 21.27 -10.65 -26.68
CA GLU B 185 22.58 -10.60 -26.03
C GLU B 185 22.73 -9.37 -25.16
N ASP B 186 21.66 -8.59 -25.02
CA ASP B 186 21.69 -7.39 -24.18
C ASP B 186 22.24 -7.73 -22.81
N VAL B 187 23.24 -6.99 -22.36
CA VAL B 187 23.83 -7.23 -21.03
C VAL B 187 22.80 -6.85 -19.98
N PHE B 188 22.55 -7.75 -19.03
CA PHE B 188 21.56 -7.50 -17.99
C PHE B 188 22.03 -6.54 -16.90
N LEU B 189 23.29 -6.71 -16.48
CA LEU B 189 23.86 -5.86 -15.44
C LEU B 189 25.18 -5.21 -15.88
N LYS B 190 25.26 -3.89 -15.68
CA LYS B 190 26.46 -3.13 -16.03
C LYS B 190 26.85 -2.23 -14.86
N GLU B 191 28.14 -2.04 -14.66
CA GLU B 191 28.64 -1.20 -13.58
C GLU B 191 27.93 0.15 -13.57
N GLY B 192 27.41 0.55 -12.41
CA GLY B 192 26.75 1.85 -12.32
C GLY B 192 27.78 2.88 -11.90
N SER B 193 27.33 4.11 -11.69
CA SER B 193 28.24 5.16 -11.23
C SER B 193 27.66 5.76 -9.95
N PRO B 194 28.40 5.65 -8.84
CA PRO B 194 29.70 4.99 -8.74
C PRO B 194 29.57 3.47 -8.72
N ALA B 195 30.70 2.78 -8.86
CA ALA B 195 30.72 1.33 -8.88
C ALA B 195 30.21 0.69 -7.58
N SER B 196 30.26 1.45 -6.48
CA SER B 196 29.79 0.95 -5.20
C SER B 196 29.70 2.07 -4.18
N TYR B 197 29.03 1.76 -3.07
CA TYR B 197 28.89 2.67 -1.96
C TYR B 197 29.60 2.00 -0.78
N LYS B 198 30.50 2.74 -0.12
CA LYS B 198 31.26 2.18 1.00
C LYS B 198 30.63 2.37 2.37
N VAL B 199 30.87 1.40 3.27
CA VAL B 199 30.38 1.47 4.64
C VAL B 199 31.59 1.28 5.53
N GLU B 200 31.43 1.57 6.82
CA GLU B 200 32.51 1.49 7.80
C GLU B 200 33.30 0.18 7.78
N ALA B 201 34.63 0.30 7.81
CA ALA B 201 35.51 -0.84 7.81
C ALA B 201 35.12 -1.81 8.91
N GLY B 202 35.02 -3.09 8.56
CA GLY B 202 34.65 -4.10 9.53
C GLY B 202 33.15 -4.32 9.70
N SER B 203 32.34 -3.60 8.92
CA SER B 203 30.89 -3.77 9.02
C SER B 203 30.49 -5.19 8.56
N GLY B 204 30.94 -5.58 7.38
CA GLY B 204 30.58 -6.89 6.85
C GLY B 204 29.15 -6.95 6.36
N PRO B 205 28.78 -6.15 5.34
CA PRO B 205 27.45 -6.07 4.74
C PRO B 205 26.82 -7.42 4.40
N ARG B 206 25.70 -7.74 5.05
CA ARG B 206 25.03 -9.00 4.76
C ARG B 206 23.79 -8.77 3.90
N HIS B 207 22.64 -8.48 4.51
CA HIS B 207 21.40 -8.28 3.75
C HIS B 207 20.88 -6.84 3.68
N LEU B 208 20.20 -6.53 2.58
CA LEU B 208 19.64 -5.20 2.36
C LEU B 208 18.16 -5.28 2.03
N THR B 209 17.36 -4.38 2.59
CA THR B 209 15.94 -4.34 2.30
C THR B 209 15.52 -2.90 2.05
N PHE B 210 14.37 -2.72 1.39
CA PHE B 210 13.84 -1.39 1.11
C PHE B 210 12.54 -1.19 1.86
N ALA B 211 12.31 0.06 2.28
CA ALA B 211 11.08 0.39 2.98
C ALA B 211 9.93 0.34 1.97
N PRO B 212 8.71 0.02 2.44
CA PRO B 212 7.57 -0.05 1.52
C PRO B 212 7.40 1.27 0.75
N ASN B 213 7.73 2.39 1.39
CA ASN B 213 7.61 3.70 0.76
C ASN B 213 8.62 3.92 -0.37
N GLY B 214 9.60 3.02 -0.46
CA GLY B 214 10.59 3.10 -1.51
C GLY B 214 11.61 4.22 -1.44
N SER B 215 11.57 5.02 -0.38
CA SER B 215 12.50 6.14 -0.26
C SER B 215 13.66 5.88 0.70
N TYR B 216 13.71 4.67 1.26
CA TYR B 216 14.77 4.32 2.21
C TYR B 216 15.20 2.86 2.07
N ALA B 217 16.42 2.58 2.50
CA ALA B 217 16.98 1.24 2.44
C ALA B 217 17.73 1.01 3.74
N TYR B 218 17.75 -0.24 4.21
CA TYR B 218 18.41 -0.57 5.45
C TYR B 218 19.30 -1.80 5.33
N LEU B 219 20.50 -1.69 5.85
CA LEU B 219 21.47 -2.76 5.78
C LEU B 219 21.80 -3.38 7.14
N ILE B 220 21.85 -4.70 7.19
CA ILE B 220 22.25 -5.36 8.42
C ILE B 220 23.67 -5.87 8.19
N ASN B 221 24.58 -5.49 9.08
CA ASN B 221 25.98 -5.88 8.98
C ASN B 221 26.27 -7.06 9.89
N GLU B 222 26.76 -8.15 9.29
CA GLU B 222 27.02 -9.37 10.04
C GLU B 222 28.13 -9.30 11.07
N LEU B 223 29.23 -8.66 10.72
CA LEU B 223 30.37 -8.57 11.63
C LEU B 223 30.24 -7.51 12.73
N SER B 224 29.93 -6.27 12.35
CA SER B 224 29.78 -5.19 13.32
C SER B 224 28.43 -5.26 14.03
N GLY B 225 27.47 -5.92 13.40
CA GLY B 225 26.15 -6.05 13.99
C GLY B 225 25.34 -4.77 13.99
N THR B 226 25.71 -3.82 13.13
CA THR B 226 24.98 -2.56 13.07
C THR B 226 24.00 -2.56 11.90
N VAL B 227 23.03 -1.65 11.98
CA VAL B 227 22.08 -1.48 10.91
C VAL B 227 22.34 -0.08 10.39
N ILE B 228 22.58 0.04 9.09
CA ILE B 228 22.80 1.34 8.51
C ILE B 228 21.56 1.69 7.73
N ALA B 229 21.04 2.88 7.96
CA ALA B 229 19.84 3.36 7.28
C ALA B 229 20.28 4.30 6.17
N PHE B 230 19.67 4.16 5.00
CA PHE B 230 19.99 4.98 3.84
C PHE B 230 18.74 5.62 3.27
N GLU B 231 18.88 6.81 2.68
CA GLU B 231 17.76 7.43 2.00
C GLU B 231 18.06 6.91 0.61
N TYR B 232 17.03 6.54 -0.15
CA TYR B 232 17.27 6.03 -1.49
C TYR B 232 16.52 6.78 -2.56
N ASN B 233 17.21 7.07 -3.66
CA ASN B 233 16.60 7.74 -4.79
C ASN B 233 17.40 7.54 -6.07
N ASP B 234 16.74 6.96 -7.07
CA ASP B 234 17.32 6.73 -8.38
C ASP B 234 18.78 6.28 -8.36
N GLY B 235 19.03 5.08 -7.83
CA GLY B 235 20.36 4.52 -7.79
C GLY B 235 21.33 5.07 -6.73
N GLU B 236 20.87 6.02 -5.94
CA GLU B 236 21.75 6.63 -4.93
C GLU B 236 21.40 6.32 -3.49
N LEU B 237 22.39 5.86 -2.73
CA LEU B 237 22.22 5.55 -1.32
C LEU B 237 23.05 6.55 -0.51
N LYS B 238 22.37 7.24 0.41
CA LYS B 238 23.00 8.25 1.27
C LYS B 238 22.77 7.86 2.72
N GLU B 239 23.84 7.52 3.44
CA GLU B 239 23.68 7.13 4.85
C GLU B 239 23.00 8.20 5.68
N ILE B 240 22.04 7.80 6.51
CA ILE B 240 21.41 8.77 7.39
C ILE B 240 21.56 8.38 8.85
N GLN B 241 21.94 7.12 9.10
CA GLN B 241 22.11 6.65 10.46
C GLN B 241 22.68 5.25 10.61
N THR B 242 23.38 5.04 11.71
CA THR B 242 23.95 3.74 12.03
C THR B 242 23.53 3.46 13.48
N ILE B 243 23.04 2.26 13.73
CA ILE B 243 22.59 1.88 15.07
C ILE B 243 22.87 0.41 15.29
N ALA B 244 23.20 0.03 16.53
CA ALA B 244 23.54 -1.35 16.84
C ALA B 244 22.33 -2.27 17.01
N ALA B 245 22.38 -3.41 16.32
CA ALA B 245 21.33 -4.42 16.44
C ALA B 245 21.89 -5.42 17.44
N ASP B 246 23.15 -5.78 17.23
CA ASP B 246 23.86 -6.68 18.13
C ASP B 246 24.70 -5.80 19.08
N THR B 247 24.46 -5.94 20.38
CA THR B 247 25.18 -5.14 21.36
C THR B 247 26.23 -5.91 22.17
N VAL B 248 26.33 -7.22 21.94
CA VAL B 248 27.29 -8.03 22.68
C VAL B 248 28.49 -8.46 21.84
N GLY B 249 28.66 -7.83 20.68
CA GLY B 249 29.78 -8.15 19.80
C GLY B 249 29.88 -9.62 19.43
N ALA B 250 28.77 -10.21 18.97
CA ALA B 250 28.77 -11.61 18.59
C ALA B 250 29.24 -11.85 17.16
N LYS B 251 29.21 -10.80 16.36
CA LYS B 251 29.63 -10.87 14.96
C LYS B 251 28.92 -12.00 14.22
N GLY B 252 27.62 -12.08 14.42
CA GLY B 252 26.83 -13.11 13.75
C GLY B 252 25.45 -12.63 13.36
N SER B 253 25.33 -11.36 12.98
CA SER B 253 24.02 -10.84 12.59
C SER B 253 23.54 -11.49 11.30
N GLY B 254 22.23 -11.52 11.08
CA GLY B 254 21.73 -12.19 9.91
C GLY B 254 20.75 -11.52 8.96
N ASP B 255 19.46 -11.58 9.29
CA ASP B 255 18.43 -11.05 8.40
C ASP B 255 17.83 -9.69 8.80
N ILE B 256 17.07 -9.09 7.89
CA ILE B 256 16.47 -7.79 8.15
C ILE B 256 15.18 -7.61 7.36
N HIS B 257 14.11 -7.25 8.07
CA HIS B 257 12.80 -7.05 7.45
C HIS B 257 12.04 -5.91 8.09
N ILE B 258 11.22 -5.25 7.29
CA ILE B 258 10.40 -4.15 7.76
C ILE B 258 8.96 -4.64 7.70
N SER B 259 8.15 -4.26 8.68
CA SER B 259 6.75 -4.69 8.68
C SER B 259 6.04 -4.06 7.50
N PRO B 260 5.01 -4.76 6.95
CA PRO B 260 4.23 -4.28 5.81
C PRO B 260 3.77 -2.82 5.91
N ASP B 261 3.43 -2.39 7.12
CA ASP B 261 2.97 -1.01 7.30
C ASP B 261 4.13 -0.03 7.37
N GLY B 262 5.35 -0.55 7.29
CA GLY B 262 6.54 0.28 7.31
C GLY B 262 6.83 1.00 8.62
N LYS B 263 6.17 0.59 9.70
CA LYS B 263 6.34 1.23 10.99
C LYS B 263 7.43 0.63 11.87
N PHE B 264 7.83 -0.61 11.58
CA PHE B 264 8.84 -1.28 12.39
C PHE B 264 9.88 -2.06 11.58
N LEU B 265 11.11 -2.10 12.09
CA LEU B 265 12.19 -2.84 11.44
C LEU B 265 12.76 -3.87 12.41
N TYR B 266 13.08 -5.03 11.88
CA TYR B 266 13.61 -6.14 12.68
C TYR B 266 14.92 -6.64 12.06
N ALA B 267 15.87 -7.00 12.91
CA ALA B 267 17.15 -7.51 12.45
C ALA B 267 17.53 -8.62 13.42
N SER B 268 17.97 -9.75 12.89
CA SER B 268 18.34 -10.90 13.71
C SER B 268 19.83 -11.03 14.03
N ASN B 269 20.12 -11.69 15.15
CA ASN B 269 21.49 -11.90 15.59
C ASN B 269 21.68 -13.38 15.93
N ARG B 270 22.88 -13.90 15.71
CA ARG B 270 23.17 -15.29 16.02
C ARG B 270 24.43 -15.35 16.88
N LEU B 271 24.83 -16.57 17.27
CA LEU B 271 26.04 -16.82 18.04
C LEU B 271 25.93 -16.52 19.54
N LYS B 272 25.36 -15.39 19.90
CA LYS B 272 25.15 -15.06 21.31
C LYS B 272 23.92 -14.19 21.43
N ALA B 273 23.13 -14.43 22.48
CA ALA B 273 21.89 -13.68 22.68
C ALA B 273 21.03 -13.74 21.42
N ASP B 274 20.95 -14.94 20.84
CA ASP B 274 20.19 -15.19 19.62
C ASP B 274 18.80 -14.56 19.68
N GLY B 275 18.47 -13.76 18.66
CA GLY B 275 17.16 -13.13 18.64
C GLY B 275 17.05 -11.99 17.64
N LEU B 276 16.01 -11.18 17.80
CA LEU B 276 15.78 -10.05 16.91
C LEU B 276 15.76 -8.72 17.65
N ALA B 277 16.39 -7.72 17.03
CA ALA B 277 16.39 -6.38 17.59
C ALA B 277 15.18 -5.69 16.94
N ILE B 278 14.40 -4.97 17.73
CA ILE B 278 13.21 -4.30 17.20
C ILE B 278 13.33 -2.77 17.23
N PHE B 279 13.02 -2.11 16.11
CA PHE B 279 13.11 -0.66 16.01
C PHE B 279 11.83 -0.07 15.44
N SER B 280 11.51 1.16 15.84
CA SER B 280 10.37 1.85 15.25
C SER B 280 11.00 2.72 14.17
N ILE B 281 10.31 2.87 13.04
CA ILE B 281 10.80 3.68 11.94
C ILE B 281 10.14 5.05 11.98
N HIS B 282 10.95 6.11 12.01
CA HIS B 282 10.39 7.46 12.05
C HIS B 282 9.60 7.71 10.77
N PRO B 283 8.35 8.17 10.91
CA PRO B 283 7.48 8.43 9.75
C PRO B 283 7.92 9.53 8.79
N GLU B 284 8.80 10.42 9.24
CA GLU B 284 9.24 11.52 8.39
C GLU B 284 10.66 11.38 7.83
N ASN B 285 11.59 10.94 8.67
CA ASN B 285 12.98 10.84 8.24
C ASN B 285 13.53 9.41 8.13
N GLY B 286 12.68 8.42 8.35
CA GLY B 286 13.10 7.02 8.24
C GLY B 286 14.17 6.51 9.19
N LEU B 288 15.87 5.13 12.80
CA LEU B 288 15.49 4.08 13.74
C LEU B 288 15.66 4.38 15.22
N THR B 289 14.74 3.88 16.03
CA THR B 289 14.79 4.01 17.49
C THR B 289 14.49 2.62 18.03
N LYS B 290 15.41 2.08 18.82
CA LYS B 290 15.22 0.75 19.38
C LYS B 290 14.07 0.77 20.39
N VAL B 291 13.19 -0.22 20.33
CA VAL B 291 12.07 -0.27 21.25
C VAL B 291 12.01 -1.58 22.01
N GLY B 292 12.69 -2.61 21.49
CA GLY B 292 12.66 -3.89 22.16
C GLY B 292 13.64 -4.90 21.61
N TYR B 293 13.69 -6.06 22.24
CA TYR B 293 14.58 -7.12 21.82
C TYR B 293 13.92 -8.44 22.18
N GLN B 294 13.91 -9.37 21.25
CA GLN B 294 13.28 -10.67 21.48
C GLN B 294 14.26 -11.83 21.31
N LEU B 295 14.49 -12.58 22.39
CA LEU B 295 15.35 -13.76 22.33
C LEU B 295 14.57 -14.85 21.64
N THR B 296 15.21 -15.56 20.72
CA THR B 296 14.54 -16.62 19.97
C THR B 296 15.28 -17.95 20.10
N GLY B 297 14.90 -18.89 19.23
CA GLY B 297 15.56 -20.18 19.19
C GLY B 297 16.96 -19.90 18.69
N ILE B 298 17.83 -20.89 18.72
CA ILE B 298 19.21 -20.68 18.29
C ILE B 298 19.47 -20.57 16.79
N HIS B 299 20.29 -19.58 16.43
CA HIS B 299 20.71 -19.33 15.06
C HIS B 299 19.61 -18.89 14.09
N PRO B 300 18.98 -17.73 14.37
CA PRO B 300 17.91 -17.17 13.53
C PRO B 300 18.51 -16.50 12.28
N ARG B 301 18.96 -17.33 11.35
CA ARG B 301 19.57 -16.85 10.12
C ARG B 301 18.58 -16.12 9.21
N ASN B 302 17.32 -16.51 9.31
CA ASN B 302 16.29 -15.94 8.44
C ASN B 302 14.94 -15.88 9.15
N PHE B 303 14.13 -14.90 8.76
CA PHE B 303 12.80 -14.78 9.31
C PHE B 303 11.91 -14.07 8.29
N ILE B 304 10.63 -13.97 8.58
CA ILE B 304 9.69 -13.34 7.66
C ILE B 304 8.43 -12.88 8.38
N ILE B 305 7.78 -11.87 7.80
CA ILE B 305 6.53 -11.34 8.35
C ILE B 305 5.41 -11.62 7.35
N THR B 306 4.28 -12.09 7.85
CA THR B 306 3.14 -12.38 6.98
C THR B 306 2.64 -11.10 6.34
N PRO B 307 2.02 -11.21 5.15
CA PRO B 307 1.49 -10.06 4.40
C PRO B 307 0.58 -9.15 5.22
N ASN B 308 -0.25 -9.73 6.07
CA ASN B 308 -1.18 -8.95 6.89
C ASN B 308 -0.49 -8.34 8.11
N GLY B 309 0.82 -8.57 8.20
CA GLY B 309 1.62 -8.03 9.29
C GLY B 309 1.30 -8.58 10.68
N LYS B 310 0.50 -9.65 10.74
CA LYS B 310 0.11 -10.21 12.01
C LYS B 310 1.15 -11.14 12.66
N TYR B 311 1.89 -11.89 11.85
CA TYR B 311 2.88 -12.84 12.39
C TYR B 311 4.30 -12.69 11.86
N LEU B 312 5.26 -13.06 12.69
CA LEU B 312 6.66 -13.02 12.32
C LEU B 312 7.19 -14.41 12.63
N LEU B 313 7.64 -15.12 11.59
CA LEU B 313 8.16 -16.47 11.73
C LEU B 313 9.67 -16.46 11.66
N VAL B 314 10.31 -17.16 12.59
CA VAL B 314 11.76 -17.19 12.66
C VAL B 314 12.33 -18.59 12.47
N ALA B 315 13.20 -18.73 11.48
CA ALA B 315 13.82 -20.00 11.20
C ALA B 315 15.04 -20.13 12.11
N CYS B 316 14.97 -21.07 13.05
CA CYS B 316 16.07 -21.30 13.97
C CYS B 316 16.80 -22.57 13.54
N ARG B 317 17.88 -22.39 12.78
CA ARG B 317 18.65 -23.49 12.25
C ARG B 317 19.12 -24.53 13.27
N ASP B 318 19.73 -24.09 14.35
CA ASP B 318 20.24 -24.99 15.37
C ASP B 318 19.16 -25.60 16.28
N SER B 319 18.04 -24.91 16.44
CA SER B 319 16.97 -25.43 17.29
C SER B 319 16.04 -26.30 16.44
N ASN B 320 16.27 -26.29 15.14
CA ASN B 320 15.50 -27.07 14.19
C ASN B 320 14.00 -26.80 14.24
N VAL B 321 13.64 -25.52 14.28
CA VAL B 321 12.24 -25.12 14.31
C VAL B 321 12.04 -23.74 13.71
N ILE B 322 10.82 -23.51 13.25
CA ILE B 322 10.45 -22.19 12.75
C ILE B 322 9.48 -21.76 13.84
N GLN B 323 9.86 -20.73 14.60
CA GLN B 323 9.00 -20.25 15.67
C GLN B 323 8.05 -19.20 15.11
N VAL B 324 6.84 -19.16 15.67
CA VAL B 324 5.83 -18.19 15.23
C VAL B 324 5.52 -17.20 16.36
N TYR B 325 5.75 -15.90 16.09
CA TYR B 325 5.52 -14.83 17.06
C TYR B 325 4.42 -13.90 16.58
N GLU B 326 3.48 -13.59 17.46
CA GLU B 326 2.43 -12.67 17.08
C GLU B 326 3.00 -11.27 17.24
N ARG B 327 2.67 -10.39 16.30
CA ARG B 327 3.16 -9.02 16.33
C ARG B 327 2.12 -8.09 16.93
N ASP B 328 2.56 -7.17 17.77
CA ASP B 328 1.64 -6.17 18.31
C ASP B 328 1.80 -5.07 17.30
N THR B 329 0.73 -4.72 16.60
CA THR B 329 0.81 -3.69 15.55
C THR B 329 1.19 -2.27 15.97
N ASP B 330 0.98 -1.92 17.23
CA ASP B 330 1.30 -0.58 17.71
C ASP B 330 2.66 -0.47 18.37
N THR B 331 3.13 -1.55 18.98
CA THR B 331 4.43 -1.53 19.66
C THR B 331 5.53 -2.24 18.89
N GLY B 332 5.15 -3.14 18.01
CA GLY B 332 6.14 -3.86 17.22
C GLY B 332 6.69 -5.07 17.97
N LEU B 333 6.39 -5.15 19.26
CA LEU B 333 6.89 -6.24 20.10
C LEU B 333 6.31 -7.61 19.74
N LEU B 334 7.04 -8.67 20.07
CA LEU B 334 6.63 -10.02 19.70
C LEU B 334 6.21 -10.96 20.82
N THR B 335 5.38 -11.93 20.47
CA THR B 335 4.88 -12.91 21.44
C THR B 335 4.78 -14.30 20.81
N ASP B 336 5.59 -15.23 21.30
CA ASP B 336 5.59 -16.59 20.80
C ASP B 336 4.21 -17.21 21.03
N ILE B 337 3.60 -17.75 19.98
CA ILE B 337 2.27 -18.35 20.12
C ILE B 337 2.34 -19.86 20.31
N ARG B 338 3.54 -20.36 20.52
CA ARG B 338 3.78 -21.77 20.76
C ARG B 338 3.25 -22.69 19.68
N LYS B 339 3.67 -22.44 18.45
CA LYS B 339 3.28 -23.28 17.33
C LYS B 339 4.50 -23.49 16.44
N ASP B 340 5.56 -24.01 17.03
CA ASP B 340 6.80 -24.29 16.33
C ASP B 340 6.57 -25.28 15.20
N ILE B 341 7.24 -25.07 14.08
CA ILE B 341 7.15 -25.98 12.95
C ILE B 341 8.50 -26.69 12.95
N LYS B 342 8.48 -27.98 13.24
CA LYS B 342 9.73 -28.72 13.29
C LYS B 342 10.26 -29.10 11.91
N VAL B 343 11.50 -28.73 11.65
CA VAL B 343 12.17 -29.02 10.38
C VAL B 343 13.66 -28.93 10.67
N ASP B 344 14.45 -29.82 10.08
CA ASP B 344 15.88 -29.82 10.33
C ASP B 344 16.64 -28.72 9.58
N LYS B 345 17.25 -27.82 10.36
CA LYS B 345 18.04 -26.73 9.81
C LYS B 345 17.35 -25.80 8.82
N PRO B 346 16.19 -25.25 9.18
CA PRO B 346 15.51 -24.34 8.24
C PRO B 346 16.32 -23.04 8.17
N VAL B 347 16.57 -22.53 6.97
CA VAL B 347 17.35 -21.29 6.85
C VAL B 347 16.75 -20.25 5.92
N CYS B 348 15.58 -20.53 5.37
CA CYS B 348 14.93 -19.57 4.46
C CYS B 348 13.42 -19.82 4.42
N ILE B 349 12.66 -18.73 4.54
CA ILE B 349 11.21 -18.81 4.51
C ILE B 349 10.65 -17.78 3.53
N LYS B 350 9.82 -18.23 2.59
CA LYS B 350 9.20 -17.32 1.64
C LYS B 350 7.74 -17.72 1.49
N PHE B 351 6.91 -16.78 1.04
CA PHE B 351 5.49 -17.03 0.81
C PHE B 351 5.27 -16.87 -0.68
N VAL B 352 4.32 -17.62 -1.22
CA VAL B 352 4.03 -17.58 -2.66
C VAL B 352 2.85 -16.67 -2.96
#